data_7A1A
#
_entry.id   7A1A
#
_cell.length_a   99.894
_cell.length_b   99.894
_cell.length_c   129.168
_cell.angle_alpha   90.000
_cell.angle_beta   90.000
_cell.angle_gamma   90.000
#
_symmetry.space_group_name_H-M   'P 43 21 2'
#
loop_
_entity.id
_entity.type
_entity.pdbx_description
1 polymer 'Amidohydrolase 2'
2 non-polymer 'MAGNESIUM ION'
3 non-polymer 'CALCIUM ION'
4 water water
#
_entity_poly.entity_id   1
_entity_poly.type   'polypeptide(L)'
_entity_poly.pdbx_seq_one_letter_code
;MGSSHHHHHHSSGLVPRGSHMLGKIALEEAFALPRFEEKTRWWASLFSTDAETHVKEITDINKIRIEHADKHGVGYQILS
YTAPGVQDIWDPVEAQALAVEINDYIAEQVRVNPDRFGAFATLSMHNPKEAADELRRCVEKYGFKGALVNDTQRAGPDGD
DMIFYDNADWDIFWQTCTELDVPFYMHPRNPTGTIYEKLWADRKWLVGPPLSFAHGVSLHVLGMVTNGVFDRHPKLQIIM
GHLGEHVPFDMWRINHWFEDRKKLLGLAETCKKTIRDYFAENIWITTSGHFSTTTLNFCMAEVGSDRILFSIDYPFETFS
DACEWFDNAELNGTDRLKIGRENAKKLFKLDSYKDSSA
;
_entity_poly.pdbx_strand_id   A,B
#
loop_
_chem_comp.id
_chem_comp.type
_chem_comp.name
_chem_comp.formula
CA non-polymer 'CALCIUM ION' 'Ca 2'
MG non-polymer 'MAGNESIUM ION' 'Mg 2'
#
# COMPACT_ATOMS: atom_id res chain seq x y z
N HIS A 20 -7.40 -10.28 16.21
CA HIS A 20 -6.65 -11.45 15.71
C HIS A 20 -5.16 -11.14 15.53
N MET A 21 -4.83 -9.96 14.98
CA MET A 21 -3.43 -9.62 14.80
C MET A 21 -2.73 -9.38 16.14
N LEU A 22 -1.56 -9.99 16.30
CA LEU A 22 -0.72 -9.83 17.48
C LEU A 22 0.49 -8.98 17.15
N GLY A 23 1.21 -8.56 18.19
CA GLY A 23 2.41 -7.80 17.99
C GLY A 23 2.19 -6.42 17.42
N LYS A 24 1.01 -5.85 17.59
CA LYS A 24 0.79 -4.48 17.11
C LYS A 24 1.65 -3.50 17.90
N ILE A 25 1.98 -2.40 17.24
CA ILE A 25 2.73 -1.30 17.82
C ILE A 25 1.83 -0.08 17.92
N ALA A 26 1.77 0.50 19.12
CA ALA A 26 1.06 1.75 19.35
C ALA A 26 2.08 2.81 19.80
N LEU A 27 1.92 4.05 19.30
CA LEU A 27 2.91 5.06 19.62
C LEU A 27 2.33 6.46 19.85
N GLU A 28 1.05 6.59 20.19
CA GLU A 28 0.56 7.85 20.73
C GLU A 28 -0.03 7.59 22.11
N GLU A 29 0.79 7.11 23.02
CA GLU A 29 0.34 6.50 24.27
C GLU A 29 0.95 7.30 25.43
N ALA A 30 0.08 7.97 26.19
CA ALA A 30 0.51 9.01 27.11
C ALA A 30 0.63 8.53 28.55
N PHE A 31 1.54 9.17 29.28
CA PHE A 31 1.64 9.01 30.72
C PHE A 31 1.79 10.39 31.35
N ALA A 32 1.58 10.44 32.67
CA ALA A 32 1.74 11.63 33.47
C ALA A 32 2.52 11.28 34.74
N LEU A 33 3.25 12.27 35.26
CA LEU A 33 3.99 12.03 36.49
C LEU A 33 3.03 11.89 37.66
N PRO A 34 3.29 10.98 38.59
CA PRO A 34 2.40 10.86 39.76
C PRO A 34 2.22 12.16 40.51
N ARG A 35 3.22 13.05 40.51
CA ARG A 35 3.12 14.25 41.34
C ARG A 35 2.25 15.35 40.72
N PHE A 36 1.68 15.11 39.53
CA PHE A 36 0.85 16.10 38.85
C PHE A 36 -0.62 15.70 38.83
N GLU A 37 -1.10 15.09 39.90
CA GLU A 37 -2.48 14.61 39.93
C GLU A 37 -3.48 15.73 39.68
N GLU A 38 -3.25 16.92 40.22
CA GLU A 38 -4.18 18.02 40.00
C GLU A 38 -4.25 18.39 38.52
N LYS A 39 -3.10 18.48 37.86
CA LYS A 39 -3.10 18.77 36.42
C LYS A 39 -3.79 17.66 35.65
N THR A 40 -3.56 16.42 36.08
CA THR A 40 -4.16 15.27 35.42
C THR A 40 -5.66 15.30 35.57
N ARG A 41 -6.15 15.71 36.74
CA ARG A 41 -7.60 15.75 36.94
C ARG A 41 -8.22 16.89 36.16
N TRP A 42 -7.54 18.04 36.07
CA TRP A 42 -8.08 19.13 35.25
C TRP A 42 -8.23 18.71 33.79
N TRP A 43 -7.19 18.10 33.24
CA TRP A 43 -7.25 17.63 31.86
C TRP A 43 -8.32 16.56 31.70
N ALA A 44 -8.45 15.68 32.69
CA ALA A 44 -9.48 14.66 32.66
C ALA A 44 -10.88 15.25 32.73
N SER A 45 -11.04 16.39 33.40
CA SER A 45 -12.35 17.04 33.40
C SER A 45 -12.79 17.48 32.02
N LEU A 46 -11.86 17.63 31.07
CA LEU A 46 -12.23 17.99 29.71
C LEU A 46 -12.39 16.77 28.81
N PHE A 47 -11.62 15.72 29.03
CA PHE A 47 -11.43 14.69 28.02
C PHE A 47 -11.66 13.27 28.50
N SER A 48 -12.17 13.08 29.73
CA SER A 48 -12.46 11.76 30.25
C SER A 48 -13.83 11.73 30.90
N THR A 49 -14.55 10.61 30.76
CA THR A 49 -15.82 10.43 31.44
C THR A 49 -15.70 9.61 32.72
N ASP A 50 -14.47 9.20 33.10
CA ASP A 50 -14.25 8.47 34.35
C ASP A 50 -12.90 8.94 34.92
N ALA A 51 -12.95 10.05 35.66
CA ALA A 51 -11.72 10.67 36.11
C ALA A 51 -10.92 9.73 37.01
N GLU A 52 -11.59 8.97 37.86
CA GLU A 52 -10.84 8.13 38.80
C GLU A 52 -10.06 7.05 38.07
N THR A 53 -10.70 6.39 37.11
CA THR A 53 -9.99 5.39 36.31
C THR A 53 -8.91 6.04 35.47
N HIS A 54 -9.18 7.23 34.94
CA HIS A 54 -8.21 7.93 34.11
C HIS A 54 -6.94 8.25 34.88
N VAL A 55 -7.09 8.76 36.11
CA VAL A 55 -5.94 9.09 36.93
C VAL A 55 -5.05 7.87 37.09
N LYS A 56 -5.64 6.73 37.42
CA LYS A 56 -4.82 5.54 37.63
C LYS A 56 -4.18 5.09 36.32
N GLU A 57 -4.92 5.18 35.20
CA GLU A 57 -4.37 4.62 33.96
C GLU A 57 -3.26 5.49 33.37
N ILE A 58 -3.39 6.82 33.47
CA ILE A 58 -2.38 7.68 32.85
C ILE A 58 -1.09 7.67 33.64
N THR A 59 -1.14 7.36 34.95
CA THR A 59 0.07 7.25 35.74
C THR A 59 0.66 5.84 35.71
N ASP A 60 -0.16 4.81 35.53
CA ASP A 60 0.36 3.45 35.49
C ASP A 60 1.16 3.23 34.21
N ILE A 61 2.25 2.47 34.33
CA ILE A 61 3.07 2.08 33.19
C ILE A 61 3.09 0.56 33.02
N ASN A 62 3.41 -0.16 34.09
CA ASN A 62 3.86 -1.54 33.95
C ASN A 62 2.85 -2.59 34.40
N LYS A 63 1.65 -2.20 34.83
CA LYS A 63 0.65 -3.16 35.28
C LYS A 63 -0.62 -3.06 34.44
N ILE A 64 -1.45 -2.04 34.65
CA ILE A 64 -2.70 -1.95 33.91
C ILE A 64 -2.45 -1.86 32.42
N ARG A 65 -1.45 -1.08 32.01
CA ARG A 65 -1.14 -0.90 30.60
C ARG A 65 -0.81 -2.24 29.94
N ILE A 66 -0.09 -3.11 30.67
CA ILE A 66 0.27 -4.41 30.14
C ILE A 66 -0.94 -5.34 30.08
N GLU A 67 -1.80 -5.30 31.10
CA GLU A 67 -3.02 -6.11 31.08
C GLU A 67 -3.84 -5.79 29.83
N HIS A 68 -4.06 -4.50 29.57
CA HIS A 68 -4.78 -4.09 28.37
C HIS A 68 -4.09 -4.60 27.11
N ALA A 69 -2.76 -4.44 27.04
CA ALA A 69 -2.04 -4.81 25.82
C ALA A 69 -2.05 -6.31 25.61
N ASP A 70 -1.98 -7.09 26.69
CA ASP A 70 -2.03 -8.54 26.59
C ASP A 70 -3.37 -9.02 26.08
N LYS A 71 -4.45 -8.27 26.38
CA LYS A 71 -5.78 -8.68 25.96
CA LYS A 71 -5.78 -8.68 25.96
C LYS A 71 -6.09 -8.32 24.51
N HIS A 72 -5.31 -7.43 23.89
CA HIS A 72 -5.68 -6.88 22.61
C HIS A 72 -4.55 -6.90 21.59
N GLY A 73 -3.60 -7.82 21.73
CA GLY A 73 -2.62 -8.02 20.69
C GLY A 73 -1.69 -6.86 20.42
N VAL A 74 -1.36 -6.08 21.46
CA VAL A 74 -0.37 -5.02 21.35
C VAL A 74 0.93 -5.51 21.97
N GLY A 75 1.96 -5.68 21.16
CA GLY A 75 3.22 -6.15 21.64
C GLY A 75 4.12 -5.07 22.17
N TYR A 76 4.08 -3.90 21.56
CA TYR A 76 5.02 -2.84 21.87
C TYR A 76 4.32 -1.49 21.87
N GLN A 77 4.64 -0.68 22.88
CA GLN A 77 4.13 0.68 22.99
C GLN A 77 5.28 1.65 23.14
N ILE A 78 5.26 2.73 22.37
CA ILE A 78 6.21 3.83 22.56
C ILE A 78 5.49 4.92 23.32
N LEU A 79 5.92 5.17 24.56
CA LEU A 79 5.24 6.07 25.49
C LEU A 79 5.74 7.49 25.32
N SER A 80 4.89 8.45 25.69
CA SER A 80 5.20 9.86 25.56
C SER A 80 4.43 10.63 26.62
N TYR A 81 4.88 11.83 26.93
CA TYR A 81 4.28 12.59 28.01
C TYR A 81 2.96 13.21 27.58
N THR A 82 1.99 13.19 28.49
CA THR A 82 0.68 13.76 28.25
C THR A 82 0.75 15.20 27.78
N ALA A 83 -0.25 15.60 26.99
CA ALA A 83 -0.43 17.00 26.66
C ALA A 83 -1.14 17.72 27.79
N PRO A 84 -0.95 19.04 27.93
CA PRO A 84 -0.03 19.87 27.13
C PRO A 84 1.42 19.68 27.53
N GLY A 85 1.64 19.03 28.67
CA GLY A 85 3.01 18.69 29.07
C GLY A 85 3.91 19.91 29.16
N VAL A 86 5.15 19.73 28.70
CA VAL A 86 6.16 20.76 28.85
C VAL A 86 5.84 21.97 28.00
N GLN A 87 5.07 21.79 26.92
CA GLN A 87 4.75 22.91 26.05
C GLN A 87 3.83 23.92 26.71
N ASP A 88 3.22 23.58 27.85
CA ASP A 88 2.43 24.53 28.61
C ASP A 88 3.28 25.45 29.47
N ILE A 89 4.57 25.17 29.62
CA ILE A 89 5.43 25.81 30.62
C ILE A 89 6.24 26.91 29.95
N TRP A 90 5.96 28.17 30.29
CA TRP A 90 6.58 29.28 29.58
C TRP A 90 7.85 29.79 30.24
N ASP A 91 8.12 29.41 31.47
CA ASP A 91 9.39 29.69 32.13
C ASP A 91 10.43 28.70 31.61
N PRO A 92 11.44 29.15 30.86
CA PRO A 92 12.35 28.18 30.22
C PRO A 92 13.13 27.32 31.21
N VAL A 93 13.49 27.88 32.36
CA VAL A 93 14.24 27.09 33.33
C VAL A 93 13.38 25.98 33.89
N GLU A 94 12.15 26.31 34.30
CA GLU A 94 11.22 25.30 34.79
C GLU A 94 10.92 24.27 33.70
N ALA A 95 10.71 24.71 32.46
CA ALA A 95 10.38 23.79 31.39
C ALA A 95 11.50 22.78 31.16
N GLN A 96 12.73 23.27 31.04
CA GLN A 96 13.85 22.38 30.81
C GLN A 96 14.01 21.38 31.94
N ALA A 97 13.88 21.83 33.18
CA ALA A 97 14.06 20.92 34.31
C ALA A 97 12.98 19.85 34.32
N LEU A 98 11.76 20.22 33.94
CA LEU A 98 10.68 19.25 33.88
C LEU A 98 10.92 18.23 32.76
N ALA A 99 11.37 18.68 31.60
CA ALA A 99 11.65 17.74 30.52
C ALA A 99 12.70 16.72 30.95
N VAL A 100 13.79 17.19 31.56
CA VAL A 100 14.83 16.28 32.01
C VAL A 100 14.27 15.31 33.03
N GLU A 101 13.48 15.82 33.98
CA GLU A 101 12.87 14.99 35.00
C GLU A 101 12.01 13.89 34.39
N ILE A 102 11.17 14.26 33.44
CA ILE A 102 10.26 13.31 32.81
C ILE A 102 11.03 12.23 32.07
N ASN A 103 12.07 12.62 31.32
CA ASN A 103 12.85 11.66 30.57
C ASN A 103 13.57 10.68 31.47
N ASP A 104 14.20 11.18 32.54
CA ASP A 104 14.82 10.31 33.52
C ASP A 104 13.79 9.36 34.12
N TYR A 105 12.61 9.88 34.47
CA TYR A 105 11.57 9.05 35.07
C TYR A 105 11.13 7.93 34.13
N ILE A 106 10.81 8.26 32.89
CA ILE A 106 10.24 7.24 32.02
C ILE A 106 11.31 6.25 31.60
N ALA A 107 12.57 6.68 31.50
CA ALA A 107 13.63 5.73 31.20
C ALA A 107 13.70 4.63 32.26
N GLU A 108 13.56 5.00 33.53
CA GLU A 108 13.56 3.99 34.58
C GLU A 108 12.32 3.11 34.50
N GLN A 109 11.17 3.69 34.15
CA GLN A 109 9.94 2.90 34.07
C GLN A 109 9.99 1.87 32.95
N VAL A 110 10.49 2.26 31.76
CA VAL A 110 10.47 1.33 30.64
C VAL A 110 11.56 0.24 30.78
N ARG A 111 12.56 0.47 31.63
CA ARG A 111 13.55 -0.58 31.88
C ARG A 111 12.94 -1.81 32.53
N VAL A 112 11.77 -1.67 33.15
CA VAL A 112 11.12 -2.82 33.78
C VAL A 112 10.70 -3.86 32.73
N ASN A 113 10.14 -3.40 31.61
CA ASN A 113 9.64 -4.27 30.55
C ASN A 113 10.08 -3.71 29.19
N PRO A 114 11.38 -3.74 28.90
CA PRO A 114 11.84 -3.18 27.63
C PRO A 114 11.37 -3.95 26.41
N ASP A 115 10.94 -5.20 26.57
CA ASP A 115 10.36 -5.93 25.45
C ASP A 115 8.93 -5.51 25.16
N ARG A 116 8.34 -4.64 25.98
CA ARG A 116 6.99 -4.14 25.74
C ARG A 116 6.92 -2.63 25.54
N PHE A 117 7.93 -1.87 25.98
CA PHE A 117 7.86 -0.44 26.01
C PHE A 117 9.15 0.18 25.50
N GLY A 118 8.98 1.26 24.70
CA GLY A 118 10.02 2.24 24.48
C GLY A 118 9.43 3.60 24.80
N ALA A 119 10.23 4.63 24.56
CA ALA A 119 9.75 5.98 24.87
C ALA A 119 10.22 7.00 23.84
N PHE A 120 9.40 8.05 23.69
CA PHE A 120 9.79 9.25 22.98
C PHE A 120 10.35 10.26 23.98
N ALA A 121 11.28 11.08 23.51
CA ALA A 121 11.79 12.18 24.33
C ALA A 121 10.71 13.22 24.57
N THR A 122 10.67 13.74 25.80
CA THR A 122 9.90 14.93 26.15
C THR A 122 10.86 16.12 26.19
N LEU A 123 10.49 17.21 25.54
CA LEU A 123 11.41 18.32 25.34
C LEU A 123 10.81 19.65 25.76
N SER A 124 11.65 20.51 26.32
CA SER A 124 11.39 21.94 26.29
C SER A 124 11.82 22.49 24.94
N MET A 125 10.92 23.19 24.27
CA MET A 125 11.22 23.74 22.95
C MET A 125 11.34 25.26 22.99
N HIS A 126 11.89 25.79 24.09
CA HIS A 126 12.19 27.22 24.16
C HIS A 126 13.42 27.57 23.33
N ASN A 127 14.40 26.68 23.26
CA ASN A 127 15.69 26.97 22.65
C ASN A 127 16.10 25.82 21.75
N PRO A 128 16.36 26.06 20.46
CA PRO A 128 16.73 24.95 19.57
C PRO A 128 17.91 24.11 20.04
N LYS A 129 18.99 24.75 20.51
CA LYS A 129 20.16 23.98 20.91
C LYS A 129 19.89 23.17 22.17
N GLU A 130 19.22 23.77 23.14
CA GLU A 130 18.83 23.06 24.35
C GLU A 130 18.01 21.81 24.02
N ALA A 131 16.96 21.98 23.20
CA ALA A 131 16.15 20.83 22.82
C ALA A 131 16.95 19.81 22.03
N ALA A 132 17.84 20.26 21.16
CA ALA A 132 18.69 19.33 20.42
C ALA A 132 19.53 18.49 21.39
N ASP A 133 20.11 19.14 22.39
CA ASP A 133 20.97 18.44 23.32
C ASP A 133 20.19 17.44 24.16
N GLU A 134 18.96 17.81 24.56
CA GLU A 134 18.18 16.88 25.38
C GLU A 134 17.66 15.72 24.54
N LEU A 135 17.30 15.98 23.27
CA LEU A 135 16.93 14.86 22.41
C LEU A 135 18.12 13.91 22.26
N ARG A 136 19.30 14.47 21.99
CA ARG A 136 20.50 13.65 21.88
C ARG A 136 20.76 12.84 23.15
N ARG A 137 20.61 13.46 24.32
CA ARG A 137 20.78 12.72 25.56
C ARG A 137 19.82 11.54 25.63
N CYS A 138 18.55 11.78 25.29
CA CYS A 138 17.54 10.74 25.39
C CYS A 138 17.86 9.56 24.47
N VAL A 139 18.28 9.84 23.24
CA VAL A 139 18.56 8.78 22.27
C VAL A 139 19.84 8.05 22.62
N GLU A 140 20.91 8.81 22.90
CA GLU A 140 22.23 8.21 23.12
C GLU A 140 22.33 7.54 24.49
N LYS A 141 21.70 8.12 25.52
CA LYS A 141 21.81 7.53 26.85
C LYS A 141 20.75 6.46 27.07
N TYR A 142 19.49 6.76 26.70
CA TYR A 142 18.38 5.89 27.05
C TYR A 142 17.84 5.07 25.88
N GLY A 143 18.29 5.33 24.65
CA GLY A 143 17.72 4.62 23.52
C GLY A 143 16.28 4.99 23.21
N PHE A 144 15.91 6.24 23.47
CA PHE A 144 14.57 6.70 23.12
C PHE A 144 14.44 6.68 21.59
N LYS A 145 13.19 6.58 21.13
CA LYS A 145 12.90 6.30 19.73
C LYS A 145 12.67 7.54 18.87
N GLY A 146 12.71 8.72 19.46
CA GLY A 146 12.34 9.94 18.79
C GLY A 146 11.88 10.97 19.81
N ALA A 147 11.18 11.98 19.32
CA ALA A 147 10.64 13.01 20.17
C ALA A 147 9.14 13.12 19.94
N LEU A 148 8.41 13.46 20.99
CA LEU A 148 7.01 13.80 20.88
C LEU A 148 6.79 15.11 21.62
N VAL A 149 6.30 16.10 20.88
CA VAL A 149 6.13 17.48 21.34
C VAL A 149 4.69 17.89 21.09
N ASN A 150 4.10 18.57 22.07
CA ASN A 150 2.70 18.98 21.99
C ASN A 150 2.59 20.37 21.36
N ASP A 151 2.88 20.40 20.05
CA ASP A 151 2.68 21.58 19.19
C ASP A 151 3.58 22.72 19.71
N THR A 152 3.12 23.97 19.66
CA THR A 152 4.00 25.09 19.98
C THR A 152 4.32 25.16 21.45
N GLN A 153 5.46 25.77 21.75
CA GLN A 153 5.93 26.01 23.11
C GLN A 153 5.39 27.34 23.62
N ARG A 154 4.63 27.31 24.70
CA ARG A 154 4.21 28.55 25.34
C ARG A 154 5.44 29.32 25.85
N ALA A 155 5.40 30.63 25.70
CA ALA A 155 6.55 31.48 25.99
C ALA A 155 6.04 32.90 26.26
N GLY A 156 6.96 33.80 26.54
CA GLY A 156 6.59 35.14 26.94
C GLY A 156 6.39 35.22 28.43
N PRO A 157 6.30 36.43 28.97
CA PRO A 157 6.28 36.60 30.43
C PRO A 157 5.13 35.91 31.13
N ASP A 158 3.97 35.79 30.48
CA ASP A 158 2.81 35.11 31.05
C ASP A 158 2.28 34.03 30.12
N GLY A 159 3.11 33.52 29.23
CA GLY A 159 2.74 32.40 28.39
C GLY A 159 1.81 32.70 27.26
N ASP A 160 1.67 33.96 26.86
CA ASP A 160 0.74 34.27 25.77
C ASP A 160 1.40 34.12 24.40
N ASP A 161 2.73 34.05 24.33
CA ASP A 161 3.41 33.82 23.06
C ASP A 161 3.51 32.32 22.77
N MET A 162 3.82 32.00 21.52
CA MET A 162 3.97 30.62 21.10
C MET A 162 5.18 30.51 20.17
N ILE A 163 5.95 29.44 20.35
CA ILE A 163 7.16 29.20 19.56
C ILE A 163 6.86 28.10 18.57
N PHE A 164 6.91 28.43 17.28
CA PHE A 164 6.86 27.44 16.20
C PHE A 164 8.28 27.04 15.80
N TYR A 165 8.40 25.87 15.17
CA TYR A 165 9.70 25.30 14.85
C TYR A 165 9.97 25.28 13.36
N ASP A 166 9.16 25.97 12.57
CA ASP A 166 9.27 25.96 11.12
C ASP A 166 10.05 27.18 10.61
N ASN A 167 11.29 27.32 11.10
CA ASN A 167 12.14 28.43 10.68
C ASN A 167 13.60 28.04 10.86
N ALA A 168 14.50 28.94 10.44
CA ALA A 168 15.91 28.64 10.37
C ALA A 168 16.55 28.51 11.74
N ASP A 169 15.98 29.15 12.77
CA ASP A 169 16.55 29.01 14.10
C ASP A 169 16.51 27.55 14.56
N TRP A 170 15.56 26.77 14.04
CA TRP A 170 15.39 25.38 14.43
C TRP A 170 16.15 24.39 13.54
N ASP A 171 16.92 24.90 12.57
CA ASP A 171 17.68 23.99 11.71
C ASP A 171 18.60 23.09 12.53
N ILE A 172 19.24 23.64 13.58
CA ILE A 172 20.13 22.83 14.40
C ILE A 172 19.37 21.67 15.04
N PHE A 173 18.10 21.88 15.35
CA PHE A 173 17.33 20.81 15.97
C PHE A 173 16.93 19.76 14.94
N TRP A 174 16.41 20.19 13.79
CA TRP A 174 16.03 19.22 12.79
C TRP A 174 17.24 18.45 12.26
N GLN A 175 18.41 19.10 12.21
CA GLN A 175 19.63 18.39 11.83
C GLN A 175 19.97 17.29 12.83
N THR A 176 19.63 17.49 14.10
CA THR A 176 19.86 16.48 15.12
C THR A 176 18.91 15.30 14.94
N CYS A 177 17.64 15.57 14.63
CA CYS A 177 16.70 14.50 14.32
C CYS A 177 17.20 13.62 13.17
N THR A 178 17.68 14.25 12.08
CA THR A 178 18.16 13.47 10.94
C THR A 178 19.50 12.80 11.22
N GLU A 179 20.38 13.45 12.01
CA GLU A 179 21.63 12.81 12.38
C GLU A 179 21.39 11.56 13.22
N LEU A 180 20.51 11.67 14.22
CA LEU A 180 20.14 10.49 14.99
C LEU A 180 19.21 9.57 14.19
N ASP A 181 18.62 10.08 13.13
CA ASP A 181 17.68 9.34 12.28
C ASP A 181 16.50 8.82 13.09
N VAL A 182 15.87 9.72 13.85
CA VAL A 182 14.70 9.37 14.64
C VAL A 182 13.55 10.31 14.30
N PRO A 183 12.29 9.88 14.38
CA PRO A 183 11.18 10.76 14.00
C PRO A 183 10.74 11.69 15.12
N PHE A 184 9.94 12.66 14.71
CA PHE A 184 9.37 13.68 15.59
C PHE A 184 7.86 13.64 15.41
N TYR A 185 7.16 13.34 16.50
CA TYR A 185 5.71 13.24 16.52
C TYR A 185 5.13 14.58 16.96
N MET A 186 4.42 15.25 16.06
CA MET A 186 3.81 16.55 16.37
C MET A 186 2.41 16.28 16.91
N HIS A 187 2.30 16.25 18.24
CA HIS A 187 1.07 16.02 18.98
C HIS A 187 0.35 17.34 19.20
N PRO A 188 -0.97 17.34 19.35
CA PRO A 188 -1.65 18.61 19.67
C PRO A 188 -1.44 19.02 21.12
N ARG A 189 -1.84 20.27 21.38
CA ARG A 189 -2.11 20.77 22.72
C ARG A 189 -3.34 21.68 22.66
N ASN A 190 -3.87 22.06 23.81
CA ASN A 190 -5.03 22.91 23.87
C ASN A 190 -4.69 24.35 23.44
N PRO A 191 -5.66 25.12 22.95
CA PRO A 191 -5.43 26.55 22.73
C PRO A 191 -5.38 27.27 24.08
N THR A 192 -4.54 28.31 24.14
CA THR A 192 -4.35 29.04 25.38
C THR A 192 -4.34 30.53 25.09
N GLY A 193 -4.44 31.32 26.16
CA GLY A 193 -4.26 32.76 26.05
C GLY A 193 -5.25 33.41 25.11
N THR A 194 -4.75 34.36 24.31
CA THR A 194 -5.63 35.19 23.49
C THR A 194 -6.33 34.37 22.41
N ILE A 195 -5.64 33.39 21.85
CA ILE A 195 -6.26 32.51 20.85
C ILE A 195 -7.45 31.80 21.47
N TYR A 196 -7.27 31.26 22.67
CA TYR A 196 -8.39 30.59 23.31
C TYR A 196 -9.55 31.55 23.51
N GLU A 197 -9.27 32.74 24.03
CA GLU A 197 -10.34 33.66 24.33
C GLU A 197 -11.07 34.09 23.06
N LYS A 198 -10.33 34.32 21.97
CA LYS A 198 -10.93 34.90 20.77
C LYS A 198 -11.71 33.87 19.95
N LEU A 199 -11.22 32.63 19.86
CA LEU A 199 -11.78 31.63 18.97
C LEU A 199 -12.54 30.51 19.66
N TRP A 200 -12.18 30.14 20.89
CA TRP A 200 -12.63 28.90 21.48
C TRP A 200 -13.50 29.05 22.72
N ALA A 201 -13.33 30.07 23.56
CA ALA A 201 -14.07 30.13 24.82
C ALA A 201 -15.57 30.06 24.60
N ASP A 202 -16.08 30.72 23.57
CA ASP A 202 -17.51 30.76 23.30
C ASP A 202 -18.01 29.52 22.56
N ARG A 203 -17.14 28.54 22.28
CA ARG A 203 -17.53 27.27 21.67
C ARG A 203 -16.57 26.20 22.18
N LYS A 204 -16.51 26.08 23.51
CA LYS A 204 -15.46 25.35 24.17
C LYS A 204 -15.56 23.85 23.99
N TRP A 205 -16.73 23.34 23.62
CA TRP A 205 -16.82 21.89 23.45
C TRP A 205 -16.06 21.44 22.21
N LEU A 206 -15.62 22.38 21.36
CA LEU A 206 -14.79 22.04 20.21
C LEU A 206 -13.31 21.95 20.56
N VAL A 207 -12.93 22.32 21.78
CA VAL A 207 -11.52 22.20 22.18
C VAL A 207 -11.13 20.74 22.29
N GLY A 208 -9.96 20.42 21.77
CA GLY A 208 -9.43 19.08 21.83
C GLY A 208 -9.71 18.27 20.59
N PRO A 209 -10.05 17.00 20.77
CA PRO A 209 -10.24 16.09 19.63
C PRO A 209 -11.27 16.58 18.62
N PRO A 210 -12.37 17.23 19.02
CA PRO A 210 -13.37 17.60 17.99
C PRO A 210 -12.89 18.56 16.94
N LEU A 211 -11.92 19.44 17.22
CA LEU A 211 -11.51 20.39 16.20
C LEU A 211 -10.19 21.11 16.49
N SER A 212 -10.02 21.64 17.71
CA SER A 212 -8.91 22.57 17.90
C SER A 212 -7.56 21.86 17.78
N PHE A 213 -7.48 20.61 18.25
CA PHE A 213 -6.23 19.88 18.20
C PHE A 213 -5.70 19.83 16.76
N ALA A 214 -6.56 19.42 15.84
CA ALA A 214 -6.17 19.26 14.44
C ALA A 214 -5.78 20.58 13.83
N HIS A 215 -6.46 21.66 14.22
CA HIS A 215 -6.12 22.96 13.67
C HIS A 215 -4.70 23.36 14.03
N GLY A 216 -4.28 23.06 15.27
CA GLY A 216 -2.92 23.41 15.65
C GLY A 216 -1.89 22.57 14.93
N VAL A 217 -2.06 21.25 14.93
CA VAL A 217 -1.03 20.39 14.35
C VAL A 217 -0.90 20.61 12.85
N SER A 218 -2.04 20.66 12.15
CA SER A 218 -1.98 20.85 10.70
C SER A 218 -1.32 22.18 10.35
N LEU A 219 -1.61 23.24 11.10
CA LEU A 219 -0.95 24.52 10.86
C LEU A 219 0.56 24.36 11.01
N HIS A 220 1.00 23.68 12.05
CA HIS A 220 2.42 23.59 12.32
C HIS A 220 3.12 22.77 11.25
N VAL A 221 2.56 21.62 10.93
CA VAL A 221 3.23 20.72 9.99
C VAL A 221 3.22 21.32 8.60
N LEU A 222 2.12 21.92 8.18
CA LEU A 222 2.10 22.58 6.86
C LEU A 222 2.95 23.85 6.87
N GLY A 223 3.17 24.44 8.05
CA GLY A 223 4.16 25.51 8.14
C GLY A 223 5.54 24.97 7.87
N MET A 224 5.87 23.81 8.44
CA MET A 224 7.15 23.17 8.18
C MET A 224 7.33 22.89 6.70
N VAL A 225 6.26 22.45 6.03
CA VAL A 225 6.29 22.23 4.60
C VAL A 225 6.61 23.51 3.84
N THR A 226 5.79 24.56 4.05
CA THR A 226 5.87 25.76 3.24
C THR A 226 7.04 26.66 3.62
N ASN A 227 7.71 26.40 4.74
CA ASN A 227 8.89 27.15 5.14
C ASN A 227 10.17 26.36 4.88
N GLY A 228 10.08 25.27 4.13
CA GLY A 228 11.25 24.59 3.64
C GLY A 228 11.95 23.66 4.59
N VAL A 229 11.34 23.30 5.72
CA VAL A 229 12.04 22.42 6.66
C VAL A 229 12.41 21.10 6.00
N PHE A 230 11.50 20.52 5.25
CA PHE A 230 11.76 19.24 4.61
C PHE A 230 12.66 19.39 3.39
N ASP A 231 12.85 20.61 2.88
CA ASP A 231 13.86 20.84 1.86
C ASP A 231 15.25 20.91 2.46
N ARG A 232 15.42 21.62 3.58
CA ARG A 232 16.72 21.65 4.25
C ARG A 232 17.04 20.32 4.92
N HIS A 233 16.02 19.54 5.28
CA HIS A 233 16.22 18.31 6.06
C HIS A 233 15.41 17.19 5.40
N PRO A 234 15.81 16.78 4.18
CA PRO A 234 14.98 15.85 3.43
C PRO A 234 14.87 14.48 4.07
N LYS A 235 15.71 14.14 5.03
CA LYS A 235 15.61 12.87 5.74
C LYS A 235 14.64 12.94 6.91
N LEU A 236 14.15 14.13 7.27
CA LEU A 236 13.38 14.29 8.50
C LEU A 236 12.04 13.58 8.38
N GLN A 237 11.68 12.83 9.41
CA GLN A 237 10.39 12.16 9.49
C GLN A 237 9.54 12.80 10.59
N ILE A 238 8.36 13.27 10.20
CA ILE A 238 7.39 13.90 11.09
C ILE A 238 6.14 13.02 11.12
N ILE A 239 5.59 12.82 12.30
CA ILE A 239 4.41 12.00 12.48
C ILE A 239 3.26 12.86 12.99
N MET A 240 2.08 12.66 12.41
CA MET A 240 0.83 13.28 12.86
C MET A 240 -0.14 12.20 13.29
N GLY A 241 -0.87 12.42 14.38
CA GLY A 241 -1.91 11.51 14.81
C GLY A 241 -3.21 11.77 14.11
N HIS A 242 -4.23 10.99 14.51
CA HIS A 242 -5.62 11.30 14.18
C HIS A 242 -5.80 11.35 12.66
N LEU A 243 -5.17 10.39 11.99
CA LEU A 243 -5.20 10.22 10.54
C LEU A 243 -4.79 11.47 9.79
N GLY A 244 -3.90 12.26 10.37
CA GLY A 244 -3.30 13.38 9.68
C GLY A 244 -3.95 14.72 9.92
N GLU A 245 -4.79 14.86 10.94
CA GLU A 245 -5.25 16.16 11.40
C GLU A 245 -5.86 16.96 10.23
N HIS A 246 -6.75 16.28 9.49
CA HIS A 246 -7.53 16.84 8.40
C HIS A 246 -6.78 16.90 7.07
N VAL A 247 -5.45 16.91 7.11
CA VAL A 247 -4.69 17.23 5.90
C VAL A 247 -5.02 16.29 4.76
N PRO A 248 -5.18 14.97 4.96
CA PRO A 248 -5.44 14.12 3.77
C PRO A 248 -6.73 14.47 3.05
N PHE A 249 -7.74 14.99 3.77
CA PHE A 249 -8.99 15.39 3.16
C PHE A 249 -8.76 16.47 2.11
N ASP A 250 -7.85 17.41 2.38
CA ASP A 250 -7.57 18.47 1.44
C ASP A 250 -6.33 18.23 0.63
N MET A 251 -5.86 16.98 0.51
CA MET A 251 -4.66 16.75 -0.27
C MET A 251 -4.81 17.29 -1.69
N TRP A 252 -5.96 17.02 -2.34
CA TRP A 252 -6.19 17.53 -3.68
C TRP A 252 -6.19 19.07 -3.67
N ARG A 253 -6.86 19.67 -2.69
CA ARG A 253 -7.06 21.12 -2.68
C ARG A 253 -5.77 21.85 -2.33
N ILE A 254 -5.03 21.37 -1.34
CA ILE A 254 -3.72 21.92 -1.03
C ILE A 254 -2.79 21.81 -2.22
N ASN A 255 -2.73 20.63 -2.85
CA ASN A 255 -1.83 20.45 -3.97
C ASN A 255 -2.18 21.41 -5.10
N HIS A 256 -3.47 21.52 -5.41
CA HIS A 256 -3.93 22.44 -6.43
C HIS A 256 -3.55 23.89 -6.09
N TRP A 257 -3.83 24.31 -4.86
CA TRP A 257 -3.57 25.70 -4.51
C TRP A 257 -2.10 25.96 -4.25
N PHE A 258 -1.28 24.93 -4.09
CA PHE A 258 0.17 25.12 -4.14
C PHE A 258 0.62 25.13 -5.60
N GLU A 259 0.54 23.97 -6.27
CA GLU A 259 1.17 23.83 -7.59
C GLU A 259 0.58 24.78 -8.63
N ASP A 260 -0.72 25.04 -8.57
CA ASP A 260 -1.38 25.82 -9.61
C ASP A 260 -1.62 27.26 -9.21
N ARG A 261 -1.24 27.64 -8.01
CA ARG A 261 -1.51 29.00 -7.54
C ARG A 261 -0.32 29.55 -6.77
N LYS A 262 -0.17 29.18 -5.49
CA LYS A 262 0.81 29.86 -4.66
C LYS A 262 2.23 29.64 -5.16
N LYS A 263 2.51 28.47 -5.78
CA LYS A 263 3.85 28.22 -6.31
C LYS A 263 4.22 29.11 -7.48
N LEU A 264 3.26 29.84 -8.04
CA LEU A 264 3.54 30.83 -9.08
C LEU A 264 3.57 32.23 -8.50
N LEU A 265 3.38 32.37 -7.19
CA LEU A 265 3.31 33.66 -6.52
C LEU A 265 4.42 33.88 -5.50
N GLY A 266 5.26 32.88 -5.23
CA GLY A 266 6.37 33.06 -4.32
C GLY A 266 6.62 31.88 -3.41
N LEU A 267 5.65 30.98 -3.28
CA LEU A 267 5.84 29.84 -2.38
C LEU A 267 7.02 28.98 -2.80
N ALA A 268 7.32 28.92 -4.11
CA ALA A 268 8.38 28.01 -4.57
C ALA A 268 9.75 28.41 -4.02
N GLU A 269 9.89 29.63 -3.57
CA GLU A 269 11.17 30.07 -3.01
C GLU A 269 11.54 29.32 -1.75
N THR A 270 10.55 28.92 -0.95
CA THR A 270 10.81 28.25 0.33
C THR A 270 10.14 26.87 0.39
N CYS A 271 9.73 26.30 -0.73
CA CYS A 271 9.00 25.00 -0.77
C CYS A 271 9.28 24.39 -2.14
N LYS A 272 10.14 23.40 -2.21
CA LYS A 272 10.66 22.86 -3.48
C LYS A 272 9.96 21.61 -3.96
N LYS A 273 9.09 20.98 -3.18
CA LYS A 273 8.42 19.75 -3.63
C LYS A 273 6.90 19.88 -3.44
N THR A 274 6.17 18.90 -3.93
CA THR A 274 4.72 18.95 -3.80
C THR A 274 4.30 18.40 -2.43
N ILE A 275 3.06 18.72 -2.04
CA ILE A 275 2.57 18.19 -0.77
C ILE A 275 2.54 16.66 -0.84
N ARG A 276 2.25 16.09 -2.00
CA ARG A 276 2.27 14.64 -2.12
C ARG A 276 3.67 14.08 -1.95
N ASP A 277 4.68 14.77 -2.49
CA ASP A 277 6.07 14.35 -2.26
C ASP A 277 6.41 14.30 -0.77
N TYR A 278 6.02 15.34 -0.03
CA TYR A 278 6.34 15.35 1.40
C TYR A 278 5.65 14.25 2.16
N PHE A 279 4.44 13.87 1.74
CA PHE A 279 3.78 12.75 2.41
C PHE A 279 4.38 11.43 2.02
N ALA A 280 4.99 11.34 0.83
CA ALA A 280 5.67 10.11 0.46
C ALA A 280 7.05 10.00 1.10
N GLU A 281 7.67 11.12 1.45
CA GLU A 281 9.08 11.14 1.85
C GLU A 281 9.30 11.51 3.31
N ASN A 282 8.41 12.29 3.92
CA ASN A 282 8.72 12.92 5.18
C ASN A 282 7.63 12.76 6.25
N ILE A 283 6.36 12.65 5.84
CA ILE A 283 5.27 12.72 6.81
C ILE A 283 4.64 11.35 6.94
N TRP A 284 4.20 11.03 8.17
CA TRP A 284 3.50 9.82 8.56
C TRP A 284 2.21 10.20 9.25
N ILE A 285 1.19 9.36 9.13
CA ILE A 285 -0.01 9.52 9.93
C ILE A 285 -0.26 8.25 10.72
N THR A 286 -0.89 8.41 11.88
CA THR A 286 -1.31 7.28 12.69
C THR A 286 -2.83 7.26 12.82
N THR A 287 -3.32 6.11 13.27
CA THR A 287 -4.75 5.88 13.46
C THR A 287 -5.25 6.28 14.84
N SER A 288 -4.45 7.00 15.62
CA SER A 288 -4.88 7.35 16.97
C SER A 288 -6.24 8.07 16.96
N GLY A 289 -7.14 7.61 17.80
CA GLY A 289 -8.38 8.35 18.01
C GLY A 289 -9.23 8.49 16.78
N HIS A 290 -9.04 7.65 15.79
CA HIS A 290 -9.78 7.81 14.52
C HIS A 290 -10.01 6.42 13.92
N PHE A 291 -10.94 5.69 14.54
CA PHE A 291 -11.15 4.26 14.33
C PHE A 291 -12.23 4.05 13.27
N SER A 292 -11.93 4.55 12.09
CA SER A 292 -12.88 4.62 10.99
C SER A 292 -12.25 3.94 9.78
N THR A 293 -12.82 2.81 9.37
CA THR A 293 -12.29 2.12 8.21
C THR A 293 -12.54 2.93 6.94
N THR A 294 -13.69 3.60 6.85
CA THR A 294 -13.96 4.44 5.67
C THR A 294 -12.93 5.55 5.55
N THR A 295 -12.58 6.17 6.66
CA THR A 295 -11.57 7.21 6.60
C THR A 295 -10.19 6.61 6.38
N LEU A 296 -9.90 5.47 7.00
CA LEU A 296 -8.63 4.78 6.73
C LEU A 296 -8.48 4.46 5.25
N ASN A 297 -9.54 3.95 4.61
CA ASN A 297 -9.49 3.64 3.19
C ASN A 297 -9.17 4.89 2.37
N PHE A 298 -9.82 6.00 2.71
CA PHE A 298 -9.59 7.24 2.01
C PHE A 298 -8.15 7.70 2.21
N CYS A 299 -7.62 7.52 3.42
CA CYS A 299 -6.21 7.85 3.66
C CYS A 299 -5.26 6.92 2.92
N MET A 300 -5.62 5.66 2.76
CA MET A 300 -4.78 4.78 1.96
C MET A 300 -4.68 5.29 0.52
N ALA A 301 -5.76 5.88 0.00
CA ALA A 301 -5.69 6.46 -1.34
C ALA A 301 -4.88 7.75 -1.36
N GLU A 302 -5.10 8.63 -0.37
CA GLU A 302 -4.48 9.95 -0.42
C GLU A 302 -3.04 9.96 0.10
N VAL A 303 -2.68 9.03 0.98
CA VAL A 303 -1.39 9.01 1.63
C VAL A 303 -0.63 7.72 1.37
N GLY A 304 -1.33 6.58 1.34
CA GLY A 304 -0.70 5.31 1.10
C GLY A 304 -0.50 4.50 2.38
N SER A 305 -0.83 3.20 2.30
N SER A 305 -0.83 3.20 2.30
CA SER A 305 -0.71 2.33 3.47
CA SER A 305 -0.70 2.34 3.47
C SER A 305 0.72 2.29 4.01
C SER A 305 0.72 2.32 4.01
N ASP A 306 1.72 2.54 3.15
CA ASP A 306 3.10 2.50 3.62
C ASP A 306 3.39 3.62 4.61
N ARG A 307 2.57 4.67 4.65
CA ARG A 307 2.84 5.83 5.50
C ARG A 307 1.84 5.95 6.63
N ILE A 308 1.15 4.87 6.97
CA ILE A 308 0.14 4.91 8.02
C ILE A 308 0.57 3.94 9.12
N LEU A 309 0.50 4.40 10.38
CA LEU A 309 0.84 3.61 11.55
C LEU A 309 -0.38 3.42 12.44
N PHE A 310 -0.57 2.19 12.93
CA PHE A 310 -1.54 1.99 14.00
C PHE A 310 -1.11 2.78 15.24
N SER A 311 -2.08 3.33 15.95
CA SER A 311 -1.88 3.86 17.30
C SER A 311 -3.25 3.99 17.96
N ILE A 312 -3.25 4.26 19.28
CA ILE A 312 -4.45 4.15 20.10
C ILE A 312 -4.87 5.51 20.66
N ASP A 313 -3.95 6.23 21.31
CA ASP A 313 -4.22 7.43 22.09
C ASP A 313 -4.74 7.09 23.48
N TYR A 314 -4.21 6.00 24.05
CA TYR A 314 -4.52 5.65 25.42
C TYR A 314 -3.89 6.65 26.37
N PRO A 315 -4.56 7.01 27.48
CA PRO A 315 -5.86 6.48 27.94
C PRO A 315 -7.07 7.35 27.60
N PHE A 316 -6.88 8.28 26.69
CA PHE A 316 -8.02 9.06 26.21
C PHE A 316 -8.93 8.22 25.34
N GLU A 317 -8.36 7.18 24.72
CA GLU A 317 -9.11 6.14 24.04
C GLU A 317 -8.77 4.80 24.67
N THR A 318 -9.68 3.85 24.56
CA THR A 318 -9.44 2.55 25.14
C THR A 318 -8.70 1.63 24.16
N PHE A 319 -7.90 0.71 24.72
CA PHE A 319 -7.35 -0.37 23.91
C PHE A 319 -8.45 -1.12 23.19
N SER A 320 -9.55 -1.39 23.89
CA SER A 320 -10.63 -2.14 23.29
C SER A 320 -11.17 -1.45 22.04
N ASP A 321 -11.49 -0.14 22.15
CA ASP A 321 -12.03 0.55 20.99
C ASP A 321 -11.08 0.48 19.83
N ALA A 322 -9.80 0.80 20.07
CA ALA A 322 -8.83 0.90 18.97
C ALA A 322 -8.53 -0.48 18.39
N CYS A 323 -8.36 -1.48 19.24
CA CYS A 323 -7.87 -2.77 18.80
C CYS A 323 -9.00 -3.64 18.28
N GLU A 324 -10.17 -3.61 18.91
CA GLU A 324 -11.31 -4.27 18.31
C GLU A 324 -11.59 -3.71 16.92
N TRP A 325 -11.57 -2.39 16.78
CA TRP A 325 -11.74 -1.80 15.45
C TRP A 325 -10.71 -2.36 14.47
N PHE A 326 -9.42 -2.20 14.79
CA PHE A 326 -8.38 -2.50 13.82
C PHE A 326 -8.29 -3.99 13.55
N ASP A 327 -8.35 -4.82 14.59
CA ASP A 327 -8.27 -6.27 14.41
C ASP A 327 -9.36 -6.78 13.49
N ASN A 328 -10.55 -6.15 13.51
CA ASN A 328 -11.72 -6.64 12.80
C ASN A 328 -12.06 -5.83 11.56
N ALA A 329 -11.31 -4.77 11.28
CA ALA A 329 -11.59 -3.94 10.12
C ALA A 329 -11.43 -4.76 8.86
N GLU A 330 -12.34 -4.56 7.89
CA GLU A 330 -12.15 -5.11 6.57
C GLU A 330 -10.92 -4.46 5.94
N LEU A 331 -9.89 -5.25 5.69
CA LEU A 331 -8.64 -4.74 5.17
C LEU A 331 -7.86 -5.89 4.55
N ASN A 332 -7.17 -5.63 3.45
CA ASN A 332 -6.29 -6.65 2.89
C ASN A 332 -5.19 -6.99 3.88
N GLY A 333 -4.69 -8.23 3.80
CA GLY A 333 -3.76 -8.72 4.80
C GLY A 333 -2.41 -8.03 4.74
N THR A 334 -2.01 -7.62 3.54
CA THR A 334 -0.75 -6.89 3.38
C THR A 334 -0.75 -5.61 4.20
N ASP A 335 -1.80 -4.81 4.05
CA ASP A 335 -1.82 -3.53 4.73
C ASP A 335 -2.13 -3.67 6.22
N ARG A 336 -2.89 -4.70 6.61
CA ARG A 336 -3.12 -4.88 8.05
C ARG A 336 -1.81 -5.15 8.76
N LEU A 337 -0.92 -5.95 8.15
CA LEU A 337 0.39 -6.21 8.75
C LEU A 337 1.27 -4.96 8.74
N LYS A 338 1.25 -4.19 7.66
CA LYS A 338 2.09 -2.99 7.57
C LYS A 338 1.63 -1.93 8.56
N ILE A 339 0.35 -1.60 8.55
CA ILE A 339 -0.15 -0.57 9.45
C ILE A 339 -0.06 -1.04 10.89
N GLY A 340 -0.31 -2.34 11.13
CA GLY A 340 -0.34 -2.85 12.50
C GLY A 340 1.02 -2.90 13.16
N ARG A 341 2.06 -3.22 12.40
CA ARG A 341 3.38 -3.28 13.01
C ARG A 341 4.57 -3.13 12.07
N GLU A 342 4.47 -3.60 10.82
CA GLU A 342 5.70 -3.69 10.03
C GLU A 342 6.21 -2.32 9.62
N ASN A 343 5.31 -1.36 9.35
CA ASN A 343 5.76 0.01 9.06
C ASN A 343 6.56 0.57 10.24
N ALA A 344 6.03 0.44 11.46
CA ALA A 344 6.71 0.98 12.62
C ALA A 344 7.98 0.21 12.95
N LYS A 345 7.97 -1.10 12.77
CA LYS A 345 9.18 -1.88 13.03
C LYS A 345 10.35 -1.36 12.23
N LYS A 346 10.09 -0.96 10.98
CA LYS A 346 11.14 -0.44 10.10
C LYS A 346 11.50 0.99 10.47
N LEU A 347 10.49 1.84 10.67
CA LEU A 347 10.75 3.25 10.96
C LEU A 347 11.55 3.44 12.23
N PHE A 348 11.21 2.70 13.29
CA PHE A 348 11.91 2.85 14.56
C PHE A 348 13.01 1.81 14.78
N LYS A 349 13.37 1.07 13.74
CA LYS A 349 14.50 0.13 13.79
C LYS A 349 14.41 -0.77 15.01
N LEU A 350 13.23 -1.36 15.19
CA LEU A 350 12.96 -2.12 16.41
C LEU A 350 13.64 -3.48 16.40
N ASP A 351 14.21 -3.84 17.55
CA ASP A 351 14.57 -5.22 17.79
C ASP A 351 13.30 -6.02 18.07
N SER A 352 13.49 -7.31 18.36
CA SER A 352 12.36 -8.17 18.67
C SER A 352 11.58 -7.63 19.88
N TYR A 353 10.29 -7.92 19.89
CA TYR A 353 9.42 -7.61 21.03
C TYR A 353 8.31 -8.65 21.01
N LYS A 354 7.47 -8.65 22.04
CA LYS A 354 6.44 -9.66 22.16
C LYS A 354 5.61 -9.76 20.88
N ASP A 355 5.57 -10.95 20.32
CA ASP A 355 4.74 -11.25 19.16
C ASP A 355 5.12 -10.42 17.94
N SER A 356 6.35 -9.92 17.89
CA SER A 356 6.75 -9.05 16.80
C SER A 356 6.74 -9.76 15.45
N SER A 357 6.83 -11.10 15.44
CA SER A 357 6.76 -11.86 14.20
C SER A 357 5.64 -12.89 14.24
N ALA A 358 4.61 -12.67 15.04
CA ALA A 358 3.56 -13.68 15.22
C ALA A 358 2.64 -13.77 14.00
N HIS B 20 3.32 12.81 -15.14
CA HIS B 20 4.04 12.29 -16.33
C HIS B 20 5.04 11.20 -15.94
N MET B 21 4.57 10.22 -15.16
CA MET B 21 5.43 9.14 -14.72
C MET B 21 6.04 8.41 -15.92
N LEU B 22 7.36 8.24 -15.88
CA LEU B 22 8.10 7.49 -16.89
C LEU B 22 8.50 6.13 -16.34
N GLY B 23 8.98 5.27 -17.24
CA GLY B 23 9.46 3.97 -16.80
C GLY B 23 8.37 3.00 -16.41
N LYS B 24 7.13 3.24 -16.81
CA LYS B 24 6.06 2.32 -16.43
C LYS B 24 6.27 0.96 -17.09
N ILE B 25 5.75 -0.07 -16.45
CA ILE B 25 5.80 -1.42 -16.96
C ILE B 25 4.38 -1.84 -17.28
N ALA B 26 4.18 -2.37 -18.49
CA ALA B 26 2.92 -3.01 -18.86
C ALA B 26 3.16 -4.46 -19.24
N LEU B 27 2.19 -5.32 -18.94
CA LEU B 27 2.42 -6.75 -19.15
C LEU B 27 1.17 -7.54 -19.52
N GLU B 28 0.14 -6.92 -20.10
CA GLU B 28 -0.91 -7.68 -20.76
C GLU B 28 -0.99 -7.20 -22.21
N GLU B 29 0.10 -7.32 -22.95
CA GLU B 29 0.30 -6.60 -24.20
C GLU B 29 0.54 -7.62 -25.30
N ALA B 30 -0.39 -7.68 -26.25
CA ALA B 30 -0.51 -8.81 -27.16
C ALA B 30 0.11 -8.55 -28.52
N PHE B 31 0.60 -9.63 -29.13
CA PHE B 31 0.98 -9.65 -30.53
C PHE B 31 0.39 -10.88 -31.20
N ALA B 32 0.39 -10.87 -32.54
CA ALA B 32 -0.04 -12.03 -33.33
C ALA B 32 0.97 -12.27 -34.44
N LEU B 33 1.03 -13.51 -34.90
CA LEU B 33 1.89 -13.82 -36.04
C LEU B 33 1.30 -13.23 -37.31
N PRO B 34 2.11 -12.62 -38.17
CA PRO B 34 1.58 -12.14 -39.46
C PRO B 34 0.86 -13.20 -40.27
N ARG B 35 1.22 -14.47 -40.14
CA ARG B 35 0.64 -15.48 -41.01
C ARG B 35 -0.78 -15.86 -40.61
N PHE B 36 -1.30 -15.33 -39.51
CA PHE B 36 -2.65 -15.64 -39.05
C PHE B 36 -3.60 -14.47 -39.29
N GLU B 37 -3.47 -13.81 -40.45
CA GLU B 37 -4.24 -12.59 -40.68
C GLU B 37 -5.74 -12.84 -40.64
N GLU B 38 -6.20 -13.94 -41.25
CA GLU B 38 -7.64 -14.20 -41.24
C GLU B 38 -8.16 -14.37 -39.82
N LYS B 39 -7.44 -15.12 -38.99
CA LYS B 39 -7.84 -15.30 -37.60
C LYS B 39 -7.81 -13.97 -36.86
N THR B 40 -6.78 -13.15 -37.15
CA THR B 40 -6.66 -11.85 -36.50
C THR B 40 -7.83 -10.95 -36.85
N ARG B 41 -8.27 -10.97 -38.10
CA ARG B 41 -9.37 -10.13 -38.52
C ARG B 41 -10.69 -10.59 -37.91
N TRP B 42 -10.84 -11.89 -37.66
CA TRP B 42 -12.05 -12.36 -37.02
C TRP B 42 -12.12 -11.89 -35.57
N TRP B 43 -11.02 -12.03 -34.84
CA TRP B 43 -10.97 -11.51 -33.46
C TRP B 43 -11.22 -10.01 -33.45
N ALA B 44 -10.63 -9.29 -34.40
CA ALA B 44 -10.85 -7.85 -34.49
C ALA B 44 -12.30 -7.49 -34.80
N SER B 45 -12.99 -8.33 -35.58
CA SER B 45 -14.39 -8.05 -35.85
C SER B 45 -15.24 -8.07 -34.58
N LEU B 46 -14.80 -8.76 -33.54
CA LEU B 46 -15.50 -8.78 -32.27
C LEU B 46 -15.08 -7.66 -31.34
N PHE B 47 -13.80 -7.27 -31.34
CA PHE B 47 -13.22 -6.48 -30.26
C PHE B 47 -12.49 -5.24 -30.71
N SER B 48 -12.58 -4.86 -31.98
CA SER B 48 -11.96 -3.64 -32.48
C SER B 48 -12.95 -2.87 -33.33
N THR B 49 -12.83 -1.54 -33.28
CA THR B 49 -13.62 -0.63 -34.10
C THR B 49 -12.89 -0.19 -35.36
N ASP B 50 -11.63 -0.59 -35.53
CA ASP B 50 -10.80 -0.22 -36.69
C ASP B 50 -9.92 -1.41 -37.02
N ALA B 51 -10.41 -2.27 -37.92
CA ALA B 51 -9.72 -3.54 -38.16
C ALA B 51 -8.35 -3.34 -38.80
N GLU B 52 -8.23 -2.35 -39.70
CA GLU B 52 -6.95 -2.18 -40.39
C GLU B 52 -5.86 -1.73 -39.42
N THR B 53 -6.18 -0.75 -38.57
CA THR B 53 -5.20 -0.33 -37.56
C THR B 53 -4.91 -1.46 -36.60
N HIS B 54 -5.94 -2.22 -36.23
CA HIS B 54 -5.74 -3.34 -35.32
C HIS B 54 -4.76 -4.35 -35.89
N VAL B 55 -4.94 -4.73 -37.15
CA VAL B 55 -4.04 -5.70 -37.77
C VAL B 55 -2.60 -5.18 -37.74
N LYS B 56 -2.42 -3.92 -38.10
CA LYS B 56 -1.08 -3.35 -38.08
C LYS B 56 -0.50 -3.33 -36.67
N GLU B 57 -1.30 -2.96 -35.68
CA GLU B 57 -0.76 -2.80 -34.33
C GLU B 57 -0.46 -4.15 -33.68
N ILE B 58 -1.34 -5.13 -33.85
CA ILE B 58 -1.12 -6.39 -33.16
C ILE B 58 0.02 -7.17 -33.78
N THR B 59 0.37 -6.92 -35.05
CA THR B 59 1.49 -7.63 -35.63
C THR B 59 2.80 -6.89 -35.46
N ASP B 60 2.76 -5.57 -35.25
CA ASP B 60 3.96 -4.77 -35.06
C ASP B 60 4.53 -4.98 -33.66
N ILE B 61 5.84 -5.07 -33.59
CA ILE B 61 6.57 -5.15 -32.33
C ILE B 61 7.40 -3.89 -32.11
N ASN B 62 8.21 -3.50 -33.09
CA ASN B 62 9.35 -2.63 -32.84
C ASN B 62 9.20 -1.21 -33.39
N LYS B 63 8.07 -0.87 -34.02
CA LYS B 63 7.88 0.48 -34.54
C LYS B 63 6.67 1.17 -33.91
N ILE B 64 5.46 0.79 -34.27
CA ILE B 64 4.26 1.45 -33.74
C ILE B 64 4.22 1.31 -32.23
N ARG B 65 4.45 0.09 -31.73
CA ARG B 65 4.41 -0.17 -30.29
C ARG B 65 5.42 0.68 -29.54
N ILE B 66 6.63 0.83 -30.09
CA ILE B 66 7.66 1.65 -29.43
C ILE B 66 7.25 3.12 -29.45
N GLU B 67 6.72 3.59 -30.58
CA GLU B 67 6.27 4.98 -30.67
C GLU B 67 5.20 5.29 -29.61
N HIS B 68 4.22 4.40 -29.44
CA HIS B 68 3.21 4.60 -28.40
C HIS B 68 3.86 4.68 -27.02
N ALA B 69 4.74 3.74 -26.70
CA ALA B 69 5.37 3.70 -25.38
C ALA B 69 6.23 4.94 -25.14
N ASP B 70 6.90 5.44 -26.18
CA ASP B 70 7.70 6.64 -26.05
C ASP B 70 6.85 7.86 -25.73
N LYS B 71 5.64 7.92 -26.27
CA LYS B 71 4.77 9.06 -26.04
C LYS B 71 4.01 8.99 -24.72
N HIS B 72 4.03 7.84 -24.04
CA HIS B 72 3.17 7.69 -22.87
C HIS B 72 3.88 7.12 -21.67
N GLY B 73 5.21 7.26 -21.61
CA GLY B 73 5.93 6.94 -20.39
C GLY B 73 5.94 5.47 -20.03
N VAL B 74 5.93 4.58 -21.03
CA VAL B 74 6.05 3.14 -20.79
C VAL B 74 7.48 2.75 -21.15
N GLY B 75 8.27 2.40 -20.15
CA GLY B 75 9.65 2.01 -20.43
C GLY B 75 9.77 0.58 -20.90
N TYR B 76 8.98 -0.32 -20.32
CA TYR B 76 9.15 -1.74 -20.52
C TYR B 76 7.79 -2.43 -20.67
N GLN B 77 7.70 -3.34 -21.63
CA GLN B 77 6.51 -4.12 -21.88
C GLN B 77 6.88 -5.60 -21.96
N ILE B 78 6.15 -6.45 -21.24
CA ILE B 78 6.26 -7.90 -21.36
C ILE B 78 5.19 -8.34 -22.35
N LEU B 79 5.61 -8.82 -23.51
CA LEU B 79 4.68 -9.15 -24.59
C LEU B 79 4.22 -10.60 -24.47
N SER B 80 3.01 -10.86 -24.98
CA SER B 80 2.39 -12.17 -24.92
C SER B 80 1.58 -12.40 -26.18
N TYR B 81 1.22 -13.64 -26.44
CA TYR B 81 0.44 -13.93 -27.63
C TYR B 81 -1.04 -13.65 -27.43
N THR B 82 -1.66 -13.13 -28.47
CA THR B 82 -3.08 -12.82 -28.46
C THR B 82 -3.91 -14.03 -28.07
N ALA B 83 -5.07 -13.75 -27.52
CA ALA B 83 -6.08 -14.76 -27.30
C ALA B 83 -6.91 -14.94 -28.58
N PRO B 84 -7.54 -16.12 -28.75
CA PRO B 84 -7.41 -17.28 -27.86
C PRO B 84 -6.07 -18.00 -28.00
N GLY B 85 -5.36 -17.74 -29.09
CA GLY B 85 -4.00 -18.25 -29.20
C GLY B 85 -3.91 -19.76 -29.23
N VAL B 86 -2.89 -20.30 -28.55
CA VAL B 86 -2.67 -21.74 -28.61
C VAL B 86 -3.78 -22.49 -27.89
N GLN B 87 -4.45 -21.83 -26.94
CA GLN B 87 -5.53 -22.48 -26.21
C GLN B 87 -6.75 -22.76 -27.07
N ASP B 88 -6.80 -22.21 -28.29
CA ASP B 88 -7.88 -22.52 -29.22
C ASP B 88 -7.62 -23.81 -30.01
N ILE B 89 -6.41 -24.34 -29.97
CA ILE B 89 -5.96 -25.42 -30.85
C ILE B 89 -6.11 -26.74 -30.10
N TRP B 90 -7.02 -27.60 -30.54
CA TRP B 90 -7.28 -28.84 -29.82
C TRP B 90 -6.43 -30.01 -30.30
N ASP B 91 -5.84 -29.94 -31.48
CA ASP B 91 -4.86 -30.93 -31.91
C ASP B 91 -3.57 -30.72 -31.12
N PRO B 92 -3.15 -31.66 -30.27
CA PRO B 92 -1.99 -31.38 -29.42
C PRO B 92 -0.70 -31.16 -30.19
N VAL B 93 -0.49 -31.89 -31.28
CA VAL B 93 0.75 -31.73 -32.04
C VAL B 93 0.80 -30.36 -32.70
N GLU B 94 -0.29 -29.96 -33.34
CA GLU B 94 -0.36 -28.62 -33.93
C GLU B 94 -0.19 -27.55 -32.86
N ALA B 95 -0.80 -27.74 -31.70
CA ALA B 95 -0.74 -26.72 -30.65
C ALA B 95 0.69 -26.53 -30.16
N GLN B 96 1.39 -27.64 -29.91
CA GLN B 96 2.75 -27.55 -29.40
C GLN B 96 3.68 -26.92 -30.43
N ALA B 97 3.56 -27.32 -31.69
CA ALA B 97 4.41 -26.74 -32.72
C ALA B 97 4.16 -25.24 -32.85
N LEU B 98 2.91 -24.81 -32.70
CA LEU B 98 2.61 -23.40 -32.76
C LEU B 98 3.23 -22.64 -31.59
N ALA B 99 3.13 -23.19 -30.38
CA ALA B 99 3.76 -22.54 -29.23
C ALA B 99 5.26 -22.36 -29.46
N VAL B 100 5.95 -23.43 -29.88
CA VAL B 100 7.38 -23.34 -30.13
C VAL B 100 7.68 -22.28 -31.17
N GLU B 101 6.92 -22.27 -32.25
CA GLU B 101 7.07 -21.26 -33.29
C GLU B 101 6.91 -19.84 -32.74
N ILE B 102 5.87 -19.63 -31.93
CA ILE B 102 5.62 -18.29 -31.39
C ILE B 102 6.77 -17.85 -30.50
N ASN B 103 7.22 -18.74 -29.61
CA ASN B 103 8.27 -18.33 -28.68
C ASN B 103 9.57 -18.01 -29.41
N ASP B 104 9.95 -18.85 -30.37
CA ASP B 104 11.14 -18.57 -31.17
C ASP B 104 10.96 -17.24 -31.90
N TYR B 105 9.78 -17.00 -32.45
CA TYR B 105 9.50 -15.76 -33.17
C TYR B 105 9.66 -14.54 -32.27
N ILE B 106 8.93 -14.52 -31.14
CA ILE B 106 8.98 -13.31 -30.33
C ILE B 106 10.36 -13.12 -29.71
N ALA B 107 11.09 -14.20 -29.45
CA ALA B 107 12.44 -14.05 -28.94
C ALA B 107 13.29 -13.25 -29.92
N GLU B 108 13.14 -13.52 -31.22
CA GLU B 108 13.94 -12.80 -32.22
C GLU B 108 13.49 -11.35 -32.29
N GLN B 109 12.20 -11.09 -32.16
CA GLN B 109 11.70 -9.72 -32.32
C GLN B 109 12.12 -8.84 -31.16
N VAL B 110 12.07 -9.34 -29.91
CA VAL B 110 12.38 -8.48 -28.78
C VAL B 110 13.89 -8.28 -28.58
N ARG B 111 14.72 -9.04 -29.29
CA ARG B 111 16.17 -8.79 -29.26
C ARG B 111 16.51 -7.41 -29.80
N VAL B 112 15.66 -6.84 -30.65
CA VAL B 112 15.91 -5.52 -31.21
C VAL B 112 15.83 -4.44 -30.13
N ASN B 113 15.03 -4.65 -29.09
CA ASN B 113 14.85 -3.65 -28.04
C ASN B 113 14.82 -4.30 -26.66
N PRO B 114 15.95 -4.84 -26.20
CA PRO B 114 15.93 -5.56 -24.92
C PRO B 114 15.70 -4.67 -23.72
N ASP B 115 15.90 -3.35 -23.84
CA ASP B 115 15.59 -2.45 -22.75
C ASP B 115 14.16 -1.93 -22.82
N ARG B 116 13.36 -2.41 -23.78
CA ARG B 116 11.97 -2.01 -23.88
C ARG B 116 10.99 -3.18 -23.81
N PHE B 117 11.44 -4.40 -24.09
CA PHE B 117 10.58 -5.55 -24.21
C PHE B 117 11.16 -6.76 -23.49
N GLY B 118 10.29 -7.51 -22.84
CA GLY B 118 10.54 -8.89 -22.49
C GLY B 118 9.38 -9.70 -23.06
N ALA B 119 9.31 -10.99 -22.78
CA ALA B 119 8.20 -11.79 -23.27
C ALA B 119 7.77 -12.81 -22.22
N PHE B 120 6.48 -13.14 -22.26
CA PHE B 120 5.93 -14.31 -21.60
C PHE B 120 5.95 -15.50 -22.56
N ALA B 121 6.15 -16.68 -22.00
CA ALA B 121 6.07 -17.89 -22.79
C ALA B 121 4.64 -18.13 -23.24
N THR B 122 4.50 -18.56 -24.48
CA THR B 122 3.26 -19.08 -25.03
C THR B 122 3.33 -20.60 -25.01
N LEU B 123 2.26 -21.22 -24.54
CA LEU B 123 2.31 -22.64 -24.24
C LEU B 123 1.12 -23.38 -24.81
N SER B 124 1.35 -24.58 -25.29
CA SER B 124 0.27 -25.53 -25.35
C SER B 124 0.12 -26.15 -23.98
N MET B 125 -1.10 -26.17 -23.47
CA MET B 125 -1.42 -26.71 -22.15
C MET B 125 -2.20 -28.01 -22.25
N HIS B 126 -1.89 -28.82 -23.27
CA HIS B 126 -2.47 -30.16 -23.36
C HIS B 126 -1.83 -31.13 -22.38
N ASN B 127 -0.56 -30.94 -22.07
CA ASN B 127 0.21 -31.90 -21.28
C ASN B 127 1.10 -31.16 -20.29
N PRO B 128 0.97 -31.47 -18.98
CA PRO B 128 1.77 -30.72 -17.98
C PRO B 128 3.28 -30.76 -18.23
N LYS B 129 3.85 -31.94 -18.50
CA LYS B 129 5.30 -32.02 -18.68
C LYS B 129 5.74 -31.29 -19.95
N GLU B 130 4.98 -31.44 -21.04
CA GLU B 130 5.28 -30.72 -22.27
C GLU B 130 5.29 -29.21 -22.03
N ALA B 131 4.27 -28.70 -21.35
CA ALA B 131 4.19 -27.27 -21.04
C ALA B 131 5.36 -26.84 -20.14
N ALA B 132 5.63 -27.60 -19.09
CA ALA B 132 6.74 -27.29 -18.21
C ALA B 132 8.07 -27.24 -18.97
N ASP B 133 8.29 -28.18 -19.90
CA ASP B 133 9.54 -28.19 -20.64
C ASP B 133 9.66 -26.96 -21.54
N GLU B 134 8.54 -26.53 -22.13
CA GLU B 134 8.60 -25.38 -23.02
C GLU B 134 8.75 -24.09 -22.23
N LEU B 135 8.06 -23.96 -21.12
CA LEU B 135 8.30 -22.82 -20.24
C LEU B 135 9.77 -22.76 -19.86
N ARG B 136 10.34 -23.90 -19.47
CA ARG B 136 11.75 -23.94 -19.08
C ARG B 136 12.65 -23.53 -20.23
N ARG B 137 12.38 -24.02 -21.44
CA ARG B 137 13.20 -23.62 -22.58
C ARG B 137 13.13 -22.10 -22.77
N CYS B 138 11.92 -21.56 -22.71
CA CYS B 138 11.75 -20.12 -22.88
C CYS B 138 12.54 -19.32 -21.86
N VAL B 139 12.45 -19.72 -20.58
CA VAL B 139 13.12 -18.98 -19.53
C VAL B 139 14.64 -19.15 -19.66
N GLU B 140 15.11 -20.40 -19.75
CA GLU B 140 16.54 -20.65 -19.73
C GLU B 140 17.20 -20.19 -21.03
N LYS B 141 16.59 -20.45 -22.18
CA LYS B 141 17.23 -20.11 -23.44
C LYS B 141 17.07 -18.63 -23.75
N TYR B 142 15.90 -18.07 -23.51
CA TYR B 142 15.55 -16.74 -24.00
C TYR B 142 15.37 -15.70 -22.89
N GLY B 143 15.40 -16.11 -21.63
CA GLY B 143 15.15 -15.16 -20.56
C GLY B 143 13.72 -14.64 -20.51
N PHE B 144 12.74 -15.46 -20.92
CA PHE B 144 11.36 -15.02 -20.80
C PHE B 144 11.02 -14.84 -19.33
N LYS B 145 9.99 -14.05 -19.08
CA LYS B 145 9.68 -13.57 -17.73
C LYS B 145 8.62 -14.40 -17.02
N GLY B 146 8.10 -15.44 -17.66
CA GLY B 146 7.02 -16.22 -17.12
C GLY B 146 6.19 -16.79 -18.24
N ALA B 147 4.95 -17.12 -17.91
CA ALA B 147 4.01 -17.69 -18.87
C ALA B 147 2.73 -16.87 -18.87
N LEU B 148 2.10 -16.79 -20.04
CA LEU B 148 0.76 -16.22 -20.18
C LEU B 148 -0.07 -17.18 -21.01
N VAL B 149 -1.18 -17.60 -20.46
CA VAL B 149 -2.02 -18.66 -21.03
C VAL B 149 -3.46 -18.16 -21.03
N ASN B 150 -4.18 -18.41 -22.11
CA ASN B 150 -5.53 -17.88 -22.28
C ASN B 150 -6.55 -18.90 -21.73
N ASP B 151 -6.55 -19.01 -20.41
CA ASP B 151 -7.54 -19.84 -19.68
C ASP B 151 -7.38 -21.30 -20.09
N THR B 152 -8.48 -22.05 -20.26
CA THR B 152 -8.39 -23.49 -20.44
C THR B 152 -7.92 -23.84 -21.85
N GLN B 153 -7.33 -25.01 -21.96
CA GLN B 153 -6.88 -25.52 -23.25
C GLN B 153 -8.04 -26.25 -23.93
N ARG B 154 -8.40 -25.81 -25.13
CA ARG B 154 -9.35 -26.57 -25.94
C ARG B 154 -8.77 -27.93 -26.28
N ALA B 155 -9.62 -28.96 -26.18
CA ALA B 155 -9.18 -30.33 -26.39
C ALA B 155 -10.37 -31.16 -26.84
N GLY B 156 -10.12 -32.42 -27.14
CA GLY B 156 -11.15 -33.32 -27.58
C GLY B 156 -11.31 -33.32 -29.08
N PRO B 157 -12.11 -34.27 -29.59
CA PRO B 157 -12.23 -34.43 -31.05
C PRO B 157 -12.43 -33.14 -31.82
N ASP B 158 -13.39 -32.31 -31.40
CA ASP B 158 -13.70 -31.06 -32.09
C ASP B 158 -13.49 -29.86 -31.17
N GLY B 159 -12.67 -30.01 -30.16
CA GLY B 159 -12.34 -28.88 -29.30
C GLY B 159 -13.41 -28.46 -28.34
N ASP B 160 -14.40 -29.30 -28.08
CA ASP B 160 -15.43 -28.88 -27.15
C ASP B 160 -15.10 -29.24 -25.71
N ASP B 161 -13.95 -29.86 -25.46
CA ASP B 161 -13.49 -30.12 -24.11
C ASP B 161 -12.54 -29.03 -23.63
N MET B 162 -12.42 -28.92 -22.32
CA MET B 162 -11.56 -27.93 -21.68
C MET B 162 -10.61 -28.62 -20.72
N ILE B 163 -9.33 -28.22 -20.75
CA ILE B 163 -8.35 -28.66 -19.78
C ILE B 163 -8.09 -27.53 -18.80
N PHE B 164 -8.37 -27.77 -17.52
CA PHE B 164 -8.05 -26.92 -16.40
C PHE B 164 -6.75 -27.38 -15.74
N TYR B 165 -6.11 -26.46 -15.02
CA TYR B 165 -4.79 -26.71 -14.45
C TYR B 165 -4.80 -26.81 -12.94
N ASP B 166 -5.98 -26.83 -12.34
CA ASP B 166 -6.09 -26.83 -10.87
C ASP B 166 -6.26 -28.24 -10.31
N ASN B 167 -5.27 -29.10 -10.59
CA ASN B 167 -5.33 -30.48 -10.12
C ASN B 167 -3.91 -31.04 -10.08
N ALA B 168 -3.80 -32.25 -9.53
CA ALA B 168 -2.50 -32.85 -9.23
C ALA B 168 -1.68 -33.13 -10.49
N ASP B 169 -2.34 -33.34 -11.63
CA ASP B 169 -1.61 -33.59 -12.87
C ASP B 169 -0.67 -32.45 -13.21
N TRP B 170 -0.99 -31.23 -12.77
CA TRP B 170 -0.26 -30.03 -13.14
C TRP B 170 0.78 -29.63 -12.09
N ASP B 171 0.97 -30.45 -11.05
CA ASP B 171 1.96 -30.11 -10.03
C ASP B 171 3.35 -29.97 -10.63
N ILE B 172 3.72 -30.84 -11.57
CA ILE B 172 5.05 -30.73 -12.18
C ILE B 172 5.19 -29.38 -12.88
N PHE B 173 4.11 -28.86 -13.45
CA PHE B 173 4.18 -27.56 -14.12
C PHE B 173 4.31 -26.43 -13.10
N TRP B 174 3.45 -26.42 -12.09
CA TRP B 174 3.52 -25.38 -11.07
C TRP B 174 4.87 -25.40 -10.37
N GLN B 175 5.46 -26.60 -10.19
CA GLN B 175 6.77 -26.69 -9.58
C GLN B 175 7.85 -26.08 -10.47
N THR B 176 7.70 -26.18 -11.79
CA THR B 176 8.63 -25.54 -12.70
C THR B 176 8.52 -24.02 -12.60
N CYS B 177 7.30 -23.50 -12.44
CA CYS B 177 7.14 -22.06 -12.25
C CYS B 177 7.87 -21.59 -10.99
N THR B 178 7.70 -22.32 -9.88
CA THR B 178 8.34 -21.87 -8.65
C THR B 178 9.85 -22.09 -8.68
N GLU B 179 10.33 -23.13 -9.36
CA GLU B 179 11.76 -23.38 -9.46
CA GLU B 179 11.76 -23.38 -9.47
C GLU B 179 12.45 -22.27 -10.24
N LEU B 180 11.93 -21.94 -11.43
CA LEU B 180 12.43 -20.80 -12.19
C LEU B 180 12.07 -19.47 -11.53
N ASP B 181 11.07 -19.48 -10.66
CA ASP B 181 10.63 -18.29 -9.90
C ASP B 181 10.10 -17.21 -10.85
N VAL B 182 9.16 -17.62 -11.71
CA VAL B 182 8.52 -16.72 -12.66
C VAL B 182 7.01 -16.86 -12.51
N PRO B 183 6.24 -15.81 -12.78
CA PRO B 183 4.79 -15.90 -12.61
C PRO B 183 4.06 -16.43 -13.84
N PHE B 184 2.79 -16.70 -13.61
CA PHE B 184 1.86 -17.24 -14.61
C PHE B 184 0.67 -16.30 -14.69
N TYR B 185 0.45 -15.75 -15.87
CA TYR B 185 -0.63 -14.79 -16.14
C TYR B 185 -1.81 -15.59 -16.70
N MET B 186 -2.91 -15.63 -15.96
CA MET B 186 -4.14 -16.31 -16.40
C MET B 186 -4.99 -15.30 -17.16
N HIS B 187 -4.82 -15.28 -18.46
CA HIS B 187 -5.54 -14.41 -19.37
C HIS B 187 -6.83 -15.08 -19.81
N PRO B 188 -7.88 -14.32 -20.15
CA PRO B 188 -9.10 -14.96 -20.63
C PRO B 188 -9.01 -15.46 -22.06
N ARG B 189 -10.03 -16.23 -22.45
CA ARG B 189 -10.28 -16.54 -23.85
C ARG B 189 -11.79 -16.56 -24.04
N ASN B 190 -12.23 -16.63 -25.29
CA ASN B 190 -13.65 -16.62 -25.60
C ASN B 190 -14.30 -17.93 -25.20
N PRO B 191 -15.59 -17.94 -24.91
CA PRO B 191 -16.30 -19.21 -24.75
C PRO B 191 -16.51 -19.86 -26.09
N THR B 192 -16.49 -21.20 -26.11
CA THR B 192 -16.53 -21.93 -27.35
C THR B 192 -17.48 -23.13 -27.22
N GLY B 193 -17.80 -23.73 -28.36
CA GLY B 193 -18.52 -24.99 -28.35
C GLY B 193 -19.83 -24.90 -27.61
N THR B 194 -20.15 -25.97 -26.89
CA THR B 194 -21.47 -26.09 -26.27
C THR B 194 -21.72 -25.00 -25.23
N ILE B 195 -20.67 -24.57 -24.52
CA ILE B 195 -20.83 -23.51 -23.53
C ILE B 195 -21.24 -22.21 -24.22
N TYR B 196 -20.56 -21.89 -25.33
CA TYR B 196 -20.95 -20.70 -26.07
C TYR B 196 -22.41 -20.79 -26.50
N GLU B 197 -22.81 -21.93 -27.06
CA GLU B 197 -24.17 -22.09 -27.53
C GLU B 197 -25.18 -21.99 -26.39
N LYS B 198 -24.85 -22.56 -25.22
CA LYS B 198 -25.84 -22.66 -24.16
C LYS B 198 -26.01 -21.38 -23.39
N LEU B 199 -24.93 -20.61 -23.20
CA LEU B 199 -24.97 -19.45 -22.33
C LEU B 199 -24.82 -18.12 -23.05
N TRP B 200 -24.09 -18.06 -24.18
CA TRP B 200 -23.65 -16.80 -24.75
C TRP B 200 -24.26 -16.45 -26.09
N ALA B 201 -24.61 -17.43 -26.93
CA ALA B 201 -25.01 -17.11 -28.29
C ALA B 201 -26.22 -16.17 -28.34
N ASP B 202 -27.16 -16.34 -27.40
CA ASP B 202 -28.35 -15.51 -27.38
C ASP B 202 -28.14 -14.18 -26.67
N ARG B 203 -26.93 -13.91 -26.21
CA ARG B 203 -26.56 -12.63 -25.58
C ARG B 203 -25.11 -12.37 -25.97
N LYS B 204 -24.84 -12.41 -27.28
CA LYS B 204 -23.47 -12.48 -27.75
C LYS B 204 -22.66 -11.21 -27.49
N TRP B 205 -23.31 -10.06 -27.26
CA TRP B 205 -22.55 -8.84 -26.99
C TRP B 205 -21.88 -8.86 -25.62
N LEU B 206 -22.19 -9.84 -24.76
CA LEU B 206 -21.49 -9.99 -23.49
C LEU B 206 -20.21 -10.80 -23.61
N VAL B 207 -19.94 -11.40 -24.78
CA VAL B 207 -18.72 -12.17 -24.97
C VAL B 207 -17.53 -11.25 -24.94
N GLY B 208 -16.50 -11.64 -24.21
CA GLY B 208 -15.30 -10.84 -24.10
C GLY B 208 -15.29 -9.97 -22.86
N PRO B 209 -14.72 -8.77 -22.96
CA PRO B 209 -14.51 -7.94 -21.78
C PRO B 209 -15.77 -7.62 -21.00
N PRO B 210 -16.93 -7.48 -21.64
CA PRO B 210 -18.13 -7.16 -20.85
C PRO B 210 -18.48 -8.17 -19.77
N LEU B 211 -18.20 -9.45 -19.97
CA LEU B 211 -18.57 -10.43 -18.96
C LEU B 211 -17.86 -11.78 -19.07
N SER B 212 -17.87 -12.39 -20.26
CA SER B 212 -17.50 -13.79 -20.33
C SER B 212 -16.05 -13.99 -19.93
N PHE B 213 -15.18 -13.05 -20.28
CA PHE B 213 -13.76 -13.16 -19.97
C PHE B 213 -13.55 -13.35 -18.47
N ALA B 214 -14.15 -12.48 -17.67
CA ALA B 214 -13.94 -12.55 -16.23
C ALA B 214 -14.51 -13.82 -15.64
N HIS B 215 -15.62 -14.31 -16.18
CA HIS B 215 -16.22 -15.53 -15.66
C HIS B 215 -15.27 -16.70 -15.80
N GLY B 216 -14.53 -16.77 -16.91
CA GLY B 216 -13.62 -17.88 -17.09
C GLY B 216 -12.41 -17.79 -16.19
N VAL B 217 -11.81 -16.62 -16.11
CA VAL B 217 -10.56 -16.50 -15.36
C VAL B 217 -10.80 -16.67 -13.88
N SER B 218 -11.86 -16.03 -13.35
CA SER B 218 -12.15 -16.17 -11.93
C SER B 218 -12.46 -17.61 -11.56
N LEU B 219 -13.20 -18.33 -12.42
CA LEU B 219 -13.45 -19.74 -12.19
C LEU B 219 -12.13 -20.50 -12.07
N HIS B 220 -11.21 -20.25 -12.98
CA HIS B 220 -9.98 -21.03 -13.04
C HIS B 220 -9.10 -20.72 -11.84
N VAL B 221 -8.93 -19.45 -11.52
CA VAL B 221 -8.02 -19.06 -10.44
C VAL B 221 -8.60 -19.45 -9.09
N LEU B 222 -9.90 -19.23 -8.87
CA LEU B 222 -10.52 -19.68 -7.63
C LEU B 222 -10.55 -21.20 -7.57
N GLY B 223 -10.51 -21.89 -8.72
CA GLY B 223 -10.30 -23.32 -8.72
C GLY B 223 -8.92 -23.69 -8.23
N MET B 224 -7.89 -22.98 -8.70
CA MET B 224 -6.55 -23.19 -8.14
C MET B 224 -6.54 -23.00 -6.63
N VAL B 225 -7.26 -21.99 -6.14
CA VAL B 225 -7.30 -21.74 -4.70
C VAL B 225 -7.92 -22.90 -3.96
N THR B 226 -9.11 -23.31 -4.36
CA THR B 226 -9.88 -24.30 -3.60
C THR B 226 -9.43 -25.73 -3.84
N ASN B 227 -8.62 -25.98 -4.86
CA ASN B 227 -8.04 -27.28 -5.10
C ASN B 227 -6.60 -27.38 -4.60
N GLY B 228 -6.15 -26.39 -3.83
CA GLY B 228 -4.91 -26.51 -3.09
C GLY B 228 -3.64 -26.20 -3.84
N VAL B 229 -3.73 -25.57 -5.02
CA VAL B 229 -2.53 -25.37 -5.82
C VAL B 229 -1.55 -24.48 -5.09
N PHE B 230 -2.04 -23.43 -4.44
CA PHE B 230 -1.17 -22.53 -3.69
C PHE B 230 -0.73 -23.11 -2.35
N ASP B 231 -1.35 -24.20 -1.90
CA ASP B 231 -0.88 -24.89 -0.72
C ASP B 231 0.28 -25.80 -1.06
N ARG B 232 0.18 -26.50 -2.19
CA ARG B 232 1.26 -27.35 -2.67
C ARG B 232 2.42 -26.52 -3.22
N HIS B 233 2.14 -25.31 -3.73
CA HIS B 233 3.16 -24.46 -4.34
C HIS B 233 3.03 -23.06 -3.75
N PRO B 234 3.42 -22.90 -2.50
CA PRO B 234 3.18 -21.62 -1.81
C PRO B 234 3.94 -20.45 -2.42
N LYS B 235 5.01 -20.70 -3.17
CA LYS B 235 5.73 -19.60 -3.82
C LYS B 235 5.13 -19.20 -5.17
N LEU B 236 4.11 -19.90 -5.67
CA LEU B 236 3.63 -19.67 -7.02
C LEU B 236 2.93 -18.32 -7.12
N GLN B 237 3.28 -17.56 -8.16
CA GLN B 237 2.65 -16.26 -8.41
C GLN B 237 1.75 -16.34 -9.65
N ILE B 238 0.48 -16.01 -9.46
CA ILE B 238 -0.51 -15.98 -10.52
C ILE B 238 -0.99 -14.55 -10.70
N ILE B 239 -1.11 -14.12 -11.96
CA ILE B 239 -1.53 -12.76 -12.28
C ILE B 239 -2.86 -12.82 -13.01
N MET B 240 -3.81 -11.97 -12.58
CA MET B 240 -5.07 -11.77 -13.27
C MET B 240 -5.14 -10.35 -13.78
N GLY B 241 -5.70 -10.16 -14.98
CA GLY B 241 -5.92 -8.85 -15.53
C GLY B 241 -7.24 -8.22 -15.06
N HIS B 242 -7.51 -7.01 -15.55
CA HIS B 242 -8.85 -6.41 -15.43
C HIS B 242 -9.25 -6.26 -13.96
N LEU B 243 -8.28 -5.83 -13.17
CA LEU B 243 -8.42 -5.64 -11.73
C LEU B 243 -8.95 -6.88 -11.03
N GLY B 244 -8.57 -8.06 -11.51
CA GLY B 244 -8.89 -9.29 -10.81
C GLY B 244 -10.18 -9.98 -11.20
N GLU B 245 -10.80 -9.62 -12.32
CA GLU B 245 -11.87 -10.43 -12.92
C GLU B 245 -13.00 -10.64 -11.92
N HIS B 246 -13.41 -9.56 -11.27
CA HIS B 246 -14.51 -9.48 -10.33
C HIS B 246 -14.15 -9.91 -8.91
N VAL B 247 -13.09 -10.70 -8.75
CA VAL B 247 -12.87 -11.35 -7.47
C VAL B 247 -12.76 -10.32 -6.33
N PRO B 248 -12.07 -9.19 -6.48
CA PRO B 248 -12.01 -8.26 -5.33
C PRO B 248 -13.36 -7.76 -4.87
N PHE B 249 -14.33 -7.62 -5.78
CA PHE B 249 -15.66 -7.19 -5.39
C PHE B 249 -16.26 -8.15 -4.37
N ASP B 250 -15.98 -9.44 -4.52
CA ASP B 250 -16.56 -10.42 -3.62
C ASP B 250 -15.56 -10.91 -2.57
N MET B 251 -14.50 -10.15 -2.32
CA MET B 251 -13.54 -10.62 -1.33
C MET B 251 -14.23 -10.91 0.01
N TRP B 252 -15.08 -10.00 0.46
CA TRP B 252 -15.77 -10.22 1.73
C TRP B 252 -16.65 -11.47 1.64
N ARG B 253 -17.40 -11.59 0.54
CA ARG B 253 -18.40 -12.64 0.41
C ARG B 253 -17.75 -13.99 0.25
N ILE B 254 -16.71 -14.07 -0.59
CA ILE B 254 -15.95 -15.30 -0.75
C ILE B 254 -15.36 -15.71 0.58
N ASN B 255 -14.67 -14.78 1.25
CA ASN B 255 -14.04 -15.11 2.51
C ASN B 255 -15.07 -15.61 3.52
N HIS B 256 -16.23 -14.95 3.56
CA HIS B 256 -17.29 -15.36 4.48
C HIS B 256 -17.79 -16.76 4.17
N TRP B 257 -18.08 -17.04 2.90
CA TRP B 257 -18.62 -18.34 2.50
C TRP B 257 -17.54 -19.42 2.47
N PHE B 258 -16.26 -19.06 2.49
CA PHE B 258 -15.23 -20.07 2.76
C PHE B 258 -15.08 -20.30 4.26
N GLU B 259 -14.63 -19.29 5.00
CA GLU B 259 -14.22 -19.52 6.38
C GLU B 259 -15.37 -19.84 7.31
N ASP B 260 -16.57 -19.29 7.04
CA ASP B 260 -17.74 -19.44 7.91
C ASP B 260 -18.74 -20.46 7.37
N ARG B 261 -18.49 -21.06 6.20
CA ARG B 261 -19.44 -22.01 5.64
C ARG B 261 -18.70 -23.23 5.06
N LYS B 262 -18.18 -23.09 3.84
CA LYS B 262 -17.66 -24.26 3.13
C LYS B 262 -16.50 -24.92 3.87
N LYS B 263 -15.69 -24.15 4.61
CA LYS B 263 -14.56 -24.74 5.33
C LYS B 263 -14.97 -25.50 6.58
N LEU B 264 -16.26 -25.50 6.91
CA LEU B 264 -16.80 -26.41 7.90
C LEU B 264 -17.51 -27.60 7.28
N LEU B 265 -17.51 -27.70 5.95
CA LEU B 265 -18.19 -28.78 5.24
C LEU B 265 -17.25 -29.62 4.39
N GLY B 266 -15.95 -29.30 4.34
CA GLY B 266 -15.01 -30.09 3.59
C GLY B 266 -13.97 -29.31 2.80
N LEU B 267 -14.19 -28.02 2.55
CA LEU B 267 -13.22 -27.25 1.77
C LEU B 267 -11.84 -27.24 2.42
N ALA B 268 -11.79 -27.26 3.74
CA ALA B 268 -10.50 -27.15 4.43
C ALA B 268 -9.56 -28.31 4.08
N GLU B 269 -10.10 -29.42 3.57
CA GLU B 269 -9.25 -30.55 3.22
CA GLU B 269 -9.26 -30.54 3.22
C GLU B 269 -8.32 -30.21 2.06
N THR B 270 -8.73 -29.32 1.17
CA THR B 270 -7.90 -28.98 0.00
C THR B 270 -7.61 -27.49 -0.09
N CYS B 271 -7.81 -26.72 0.98
CA CYS B 271 -7.66 -25.27 0.93
C CYS B 271 -7.34 -24.80 2.35
N LYS B 272 -6.06 -24.48 2.58
CA LYS B 272 -5.54 -24.34 3.92
C LYS B 272 -5.39 -22.89 4.39
N LYS B 273 -5.54 -21.90 3.51
CA LYS B 273 -5.44 -20.49 3.87
C LYS B 273 -6.69 -19.75 3.44
N THR B 274 -6.80 -18.49 3.87
CA THR B 274 -7.95 -17.69 3.49
C THR B 274 -7.74 -17.08 2.11
N ILE B 275 -8.83 -16.63 1.51
CA ILE B 275 -8.70 -15.97 0.21
C ILE B 275 -7.85 -14.73 0.33
N ARG B 276 -7.93 -14.01 1.46
CA ARG B 276 -7.08 -12.84 1.64
C ARG B 276 -5.61 -13.22 1.73
N ASP B 277 -5.30 -14.32 2.43
CA ASP B 277 -3.93 -14.84 2.43
C ASP B 277 -3.42 -15.08 1.01
N TYR B 278 -4.23 -15.73 0.17
CA TYR B 278 -3.74 -16.03 -1.17
C TYR B 278 -3.52 -14.77 -1.99
N PHE B 279 -4.33 -13.72 -1.77
CA PHE B 279 -4.09 -12.47 -2.46
C PHE B 279 -2.89 -11.73 -1.90
N ALA B 280 -2.48 -12.01 -0.66
CA ALA B 280 -1.28 -11.39 -0.12
C ALA B 280 -0.02 -12.14 -0.53
N GLU B 281 -0.14 -13.44 -0.80
CA GLU B 281 1.03 -14.28 -1.00
C GLU B 281 1.21 -14.78 -2.42
N ASN B 282 0.13 -14.97 -3.17
CA ASN B 282 0.20 -15.66 -4.45
C ASN B 282 -0.38 -14.93 -5.63
N ILE B 283 -1.40 -14.08 -5.42
CA ILE B 283 -2.17 -13.54 -6.53
C ILE B 283 -1.86 -12.06 -6.69
N TRP B 284 -1.72 -11.66 -7.95
CA TRP B 284 -1.57 -10.29 -8.38
C TRP B 284 -2.73 -9.91 -9.29
N ILE B 285 -3.07 -8.63 -9.32
CA ILE B 285 -4.03 -8.12 -10.30
C ILE B 285 -3.37 -6.99 -11.06
N THR B 286 -3.80 -6.77 -12.29
CA THR B 286 -3.33 -5.67 -13.10
C THR B 286 -4.50 -4.75 -13.48
N THR B 287 -4.14 -3.57 -13.96
CA THR B 287 -5.13 -2.57 -14.34
C THR B 287 -5.53 -2.66 -15.81
N SER B 288 -5.20 -3.76 -16.50
CA SER B 288 -5.52 -3.87 -17.91
C SER B 288 -7.01 -3.67 -18.15
N GLY B 289 -7.33 -2.82 -19.12
CA GLY B 289 -8.71 -2.67 -19.54
C GLY B 289 -9.65 -2.21 -18.46
N HIS B 290 -9.16 -1.55 -17.41
CA HIS B 290 -10.04 -1.15 -16.31
C HIS B 290 -9.53 0.16 -15.70
N PHE B 291 -9.75 1.24 -16.43
CA PHE B 291 -9.09 2.53 -16.15
C PHE B 291 -10.00 3.40 -15.26
N SER B 292 -10.22 2.86 -14.06
CA SER B 292 -11.18 3.40 -13.10
C SER B 292 -10.46 3.66 -11.78
N THR B 293 -10.31 4.93 -11.42
CA THR B 293 -9.68 5.25 -10.14
C THR B 293 -10.55 4.81 -8.98
N THR B 294 -11.85 4.98 -9.10
CA THR B 294 -12.77 4.53 -8.06
C THR B 294 -12.61 3.03 -7.80
N THR B 295 -12.50 2.24 -8.86
CA THR B 295 -12.36 0.80 -8.69
C THR B 295 -10.94 0.45 -8.25
N LEU B 296 -9.93 1.19 -8.74
CA LEU B 296 -8.58 0.98 -8.27
C LEU B 296 -8.50 1.21 -6.76
N ASN B 297 -9.10 2.30 -6.27
CA ASN B 297 -9.07 2.58 -4.84
C ASN B 297 -9.69 1.43 -4.05
N PHE B 298 -10.80 0.89 -4.56
CA PHE B 298 -11.47 -0.22 -3.90
C PHE B 298 -10.57 -1.44 -3.88
N CYS B 299 -9.87 -1.69 -4.99
CA CYS B 299 -8.92 -2.80 -4.99
C CYS B 299 -7.74 -2.54 -4.07
N MET B 300 -7.33 -1.28 -3.93
CA MET B 300 -6.27 -0.98 -2.96
C MET B 300 -6.73 -1.38 -1.57
N ALA B 301 -8.02 -1.16 -1.26
CA ALA B 301 -8.53 -1.59 0.03
C ALA B 301 -8.60 -3.11 0.13
N GLU B 302 -9.12 -3.78 -0.89
CA GLU B 302 -9.42 -5.21 -0.76
C GLU B 302 -8.23 -6.10 -1.06
N VAL B 303 -7.25 -5.60 -1.81
CA VAL B 303 -6.13 -6.37 -2.31
C VAL B 303 -4.80 -5.79 -1.86
N GLY B 304 -4.70 -4.47 -1.74
CA GLY B 304 -3.47 -3.82 -1.39
C GLY B 304 -2.67 -3.34 -2.58
N SER B 305 -2.19 -2.10 -2.52
CA SER B 305 -1.42 -1.55 -3.62
C SER B 305 -0.16 -2.36 -3.94
N ASP B 306 0.39 -3.09 -2.97
CA ASP B 306 1.59 -3.89 -3.23
C ASP B 306 1.33 -5.00 -4.24
N ARG B 307 0.07 -5.38 -4.44
CA ARG B 307 -0.29 -6.52 -5.29
C ARG B 307 -1.01 -6.11 -6.56
N ILE B 308 -0.87 -4.85 -6.97
CA ILE B 308 -1.55 -4.31 -8.14
C ILE B 308 -0.49 -3.80 -9.11
N LEU B 309 -0.60 -4.23 -10.37
CA LEU B 309 0.35 -3.85 -11.40
C LEU B 309 -0.33 -3.05 -12.49
N PHE B 310 0.32 -1.99 -12.97
CA PHE B 310 -0.15 -1.33 -14.17
C PHE B 310 -0.06 -2.27 -15.36
N SER B 311 -1.05 -2.18 -16.26
CA SER B 311 -1.01 -2.78 -17.58
C SER B 311 -2.10 -2.13 -18.43
N ILE B 312 -2.04 -2.38 -19.73
CA ILE B 312 -2.83 -1.65 -20.72
C ILE B 312 -3.88 -2.53 -21.39
N ASP B 313 -3.46 -3.69 -21.92
CA ASP B 313 -4.28 -4.53 -22.80
C ASP B 313 -4.24 -4.04 -24.25
N TYR B 314 -3.09 -3.60 -24.67
CA TYR B 314 -2.89 -3.17 -26.04
C TYR B 314 -2.79 -4.38 -26.95
N PRO B 315 -3.33 -4.31 -28.19
CA PRO B 315 -3.96 -3.14 -28.80
C PRO B 315 -5.49 -3.12 -28.69
N PHE B 316 -6.04 -3.91 -27.78
CA PHE B 316 -7.49 -3.87 -27.57
C PHE B 316 -7.88 -2.59 -26.86
N GLU B 317 -6.98 -2.06 -26.04
CA GLU B 317 -7.05 -0.74 -25.43
C GLU B 317 -5.87 0.08 -25.96
N THR B 318 -6.00 1.39 -25.95
CA THR B 318 -4.93 2.24 -26.43
C THR B 318 -3.98 2.63 -25.30
N PHE B 319 -2.72 2.90 -25.68
CA PHE B 319 -1.80 3.49 -24.71
C PHE B 319 -2.38 4.78 -24.15
N SER B 320 -2.98 5.61 -25.01
CA SER B 320 -3.48 6.88 -24.55
C SER B 320 -4.48 6.71 -23.41
N ASP B 321 -5.47 5.84 -23.61
CA ASP B 321 -6.50 5.67 -22.58
C ASP B 321 -5.88 5.20 -21.28
N ALA B 322 -5.02 4.19 -21.35
CA ALA B 322 -4.46 3.59 -20.14
C ALA B 322 -3.51 4.55 -19.44
N CYS B 323 -2.59 5.15 -20.21
CA CYS B 323 -1.53 5.95 -19.62
C CYS B 323 -2.01 7.34 -19.22
N GLU B 324 -2.89 7.95 -20.01
CA GLU B 324 -3.46 9.23 -19.60
CA GLU B 324 -3.46 9.23 -19.60
C GLU B 324 -4.28 9.05 -18.32
N TRP B 325 -5.03 7.95 -18.22
CA TRP B 325 -5.74 7.68 -16.99
C TRP B 325 -4.77 7.55 -15.81
N PHE B 326 -3.77 6.68 -15.94
CA PHE B 326 -2.93 6.40 -14.78
C PHE B 326 -2.03 7.57 -14.44
N ASP B 327 -1.44 8.20 -15.44
CA ASP B 327 -0.54 9.32 -15.17
C ASP B 327 -1.25 10.43 -14.43
N ASN B 328 -2.55 10.64 -14.67
CA ASN B 328 -3.30 11.76 -14.13
C ASN B 328 -4.28 11.36 -13.04
N ALA B 329 -4.35 10.08 -12.69
CA ALA B 329 -5.24 9.66 -11.63
C ALA B 329 -4.83 10.30 -10.31
N GLU B 330 -5.82 10.67 -9.51
CA GLU B 330 -5.53 11.07 -8.14
C GLU B 330 -5.07 9.83 -7.37
N LEU B 331 -3.83 9.85 -6.90
CA LEU B 331 -3.23 8.73 -6.20
C LEU B 331 -2.06 9.27 -5.41
N ASN B 332 -1.81 8.70 -4.23
CA ASN B 332 -0.61 9.06 -3.51
C ASN B 332 0.64 8.66 -4.30
N GLY B 333 1.73 9.38 -4.04
CA GLY B 333 2.94 9.16 -4.82
C GLY B 333 3.56 7.79 -4.62
N THR B 334 3.48 7.27 -3.39
CA THR B 334 4.05 5.97 -3.07
C THR B 334 3.42 4.89 -3.94
N ASP B 335 2.08 4.88 -4.00
CA ASP B 335 1.38 3.84 -4.74
C ASP B 335 1.44 4.06 -6.25
N ARG B 336 1.52 5.31 -6.70
CA ARG B 336 1.72 5.52 -8.13
C ARG B 336 3.02 4.88 -8.59
N LEU B 337 4.09 5.02 -7.80
CA LEU B 337 5.36 4.41 -8.18
C LEU B 337 5.30 2.90 -8.11
N LYS B 338 4.68 2.36 -7.07
CA LYS B 338 4.59 0.91 -6.94
C LYS B 338 3.77 0.30 -8.05
N ILE B 339 2.56 0.81 -8.26
CA ILE B 339 1.69 0.22 -9.27
C ILE B 339 2.26 0.46 -10.66
N GLY B 340 2.81 1.64 -10.90
CA GLY B 340 3.30 1.97 -12.23
C GLY B 340 4.51 1.16 -12.66
N ARG B 341 5.44 0.88 -11.74
CA ARG B 341 6.62 0.13 -12.10
C ARG B 341 7.28 -0.66 -10.98
N GLU B 342 7.28 -0.16 -9.74
CA GLU B 342 8.18 -0.78 -8.76
C GLU B 342 7.72 -2.16 -8.34
N ASN B 343 6.41 -2.38 -8.24
CA ASN B 343 5.94 -3.73 -7.97
C ASN B 343 6.44 -4.71 -9.01
N ALA B 344 6.22 -4.38 -10.29
CA ALA B 344 6.64 -5.28 -11.38
C ALA B 344 8.15 -5.39 -11.46
N LYS B 345 8.88 -4.30 -11.20
CA LYS B 345 10.34 -4.35 -11.23
C LYS B 345 10.87 -5.42 -10.28
N LYS B 346 10.28 -5.51 -9.09
CA LYS B 346 10.70 -6.51 -8.12
C LYS B 346 10.24 -7.90 -8.51
N LEU B 347 8.98 -8.03 -8.92
CA LEU B 347 8.44 -9.35 -9.27
C LEU B 347 9.21 -9.98 -10.42
N PHE B 348 9.54 -9.19 -11.43
CA PHE B 348 10.23 -9.69 -12.62
C PHE B 348 11.74 -9.49 -12.56
N LYS B 349 12.27 -9.06 -11.42
CA LYS B 349 13.72 -8.97 -11.21
C LYS B 349 14.40 -8.14 -12.29
N LEU B 350 13.81 -7.00 -12.61
CA LEU B 350 14.36 -6.10 -13.63
C LEU B 350 15.37 -5.17 -12.98
N ASP B 351 16.64 -5.32 -13.36
CA ASP B 351 17.70 -4.47 -12.83
C ASP B 351 17.82 -3.14 -13.56
N SER B 352 17.33 -3.06 -14.79
CA SER B 352 17.38 -1.84 -15.58
C SER B 352 16.54 -2.03 -16.83
N TYR B 353 16.01 -0.92 -17.33
CA TYR B 353 15.33 -0.81 -18.61
C TYR B 353 15.15 0.70 -18.83
N LYS B 354 14.63 1.08 -20.00
CA LYS B 354 14.51 2.50 -20.31
C LYS B 354 13.68 3.22 -19.24
N ASP B 355 14.28 4.25 -18.63
CA ASP B 355 13.62 5.14 -17.68
C ASP B 355 13.20 4.41 -16.40
N SER B 356 13.89 3.33 -16.06
CA SER B 356 13.42 2.49 -14.96
C SER B 356 13.48 3.21 -13.61
N SER B 357 14.40 4.18 -13.43
CA SER B 357 14.51 4.96 -12.19
C SER B 357 14.13 6.43 -12.39
N ALA B 358 13.43 6.74 -13.47
CA ALA B 358 13.12 8.12 -13.79
C ALA B 358 12.36 8.82 -12.67
MG MG C . -2.83 11.87 22.14
MG MG D . -5.80 -8.90 -22.95
CA CA E . -2.95 -8.28 -45.45
#